data_7LRF
#
_entry.id   7LRF
#
_cell.length_a   75.105
_cell.length_b   80.152
_cell.length_c   241.702
_cell.angle_alpha   90.000
_cell.angle_beta   90.000
_cell.angle_gamma   90.000
#
_symmetry.space_group_name_H-M   'P 21 21 21'
#
loop_
_entity.id
_entity.type
_entity.pdbx_description
1 polymer Netrin-1
2 branched beta-D-mannopyranose-(1-4)-2-acetamido-2-deoxy-beta-D-glucopyranose-(1-4)-2-acetamido-2-deoxy-beta-D-glucopyranose
3 branched 2-acetamido-2-deoxy-beta-D-glucopyranose-(1-4)-2-acetamido-2-deoxy-beta-D-glucopyranose
4 branched 1,3,4,6-tetra-O-sulfo-beta-D-fructofuranose-(2-1)-2,3,4,6-tetra-O-sulfonato-alpha-D-glucopyranose
5 non-polymer 1,2-ETHANEDIOL
6 non-polymer DI(HYDROXYETHYL)ETHER
7 non-polymer 'CALCIUM ION'
8 non-polymer 'SODIUM ION'
9 non-polymer '2-[N-CYCLOHEXYLAMINO]ETHANE SULFONIC ACID'
10 non-polymer 'CHLORIDE ION'
11 water water
#
_entity_poly.entity_id   1
_entity_poly.type   'polypeptide(L)'
_entity_poly.pdbx_seq_one_letter_code
;APLAGYPGLNMFAVQTAQPDPCYDEHGLPRRCIPDFVNSAFGKEVKVSSTCGKPPSRYCVVTEKGEEQVRSCHLCNASDP
KRAHPPSFLTDLNNPHNLTCWQSDSYVQYPHNVTLTLSLGKKFEVTYVSLQFCSPRPESMAIYKSMDYGKTWVPFQFYST
QCRKMYNKPSRAAITKQNEQEAICTDSHTDVRPLSGGLIAFSTLDGRPTAHDFDNSPVLQDWVTATDIKVTFSRLHTFGD
ENEDDSELARDSYFYAVSDLQVGGRCKCNGHASRCVRDRDDNLVCDCKHNTAGPECDRCKPFHYDRPWQRATAREANECV
ACNCNLHARRCRFNMELYKLSGRKSGGVCLNCRHNTAGRHCHYCKEGFYRDLSKPISHRKACKECDCHPVGAAGQTCNQT
TGQCPCKDGVTGITCNRCAKGYQQSRSPIAPCIKIPAGSLVPR
;
_entity_poly.pdbx_strand_id   A,B
#
# COMPACT_ATOMS: atom_id res chain seq x y z
N PRO A 19 23.07 22.86 -48.16
CA PRO A 19 22.75 22.42 -46.80
C PRO A 19 21.25 22.49 -46.52
N ASP A 20 20.87 23.23 -45.48
CA ASP A 20 19.46 23.44 -45.14
C ASP A 20 19.26 24.92 -44.86
N PRO A 21 18.45 25.61 -45.65
CA PRO A 21 18.20 27.05 -45.39
C PRO A 21 17.56 27.30 -44.04
N CYS A 22 16.86 26.31 -43.47
CA CYS A 22 16.26 26.46 -42.16
C CYS A 22 17.28 26.47 -41.05
N TYR A 23 18.53 26.12 -41.34
CA TYR A 23 19.59 26.14 -40.34
C TYR A 23 20.78 26.89 -40.92
N ASP A 24 21.60 27.41 -40.01
CA ASP A 24 22.78 28.16 -40.41
C ASP A 24 23.97 27.21 -40.53
N GLU A 25 25.12 27.79 -40.88
CA GLU A 25 26.39 27.06 -40.95
C GLU A 25 26.90 26.58 -39.61
N HIS A 26 26.48 27.20 -38.48
CA HIS A 26 26.81 26.68 -37.15
C HIS A 26 25.79 25.67 -36.65
N GLY A 27 24.76 25.37 -37.45
CA GLY A 27 23.78 24.36 -37.10
C GLY A 27 22.59 24.87 -36.30
N LEU A 28 22.57 26.14 -35.92
CA LEU A 28 21.44 26.71 -35.22
C LEU A 28 20.29 26.99 -36.20
N PRO A 29 19.07 27.11 -35.69
CA PRO A 29 17.93 27.37 -36.58
C PRO A 29 17.72 28.86 -36.86
N ARG A 30 17.34 29.13 -38.11
CA ARG A 30 16.95 30.46 -38.56
C ARG A 30 15.67 30.32 -39.38
N ARG A 31 14.94 31.43 -39.47
CA ARG A 31 13.66 31.41 -40.18
C ARG A 31 13.84 31.12 -41.67
N CYS A 32 13.05 30.18 -42.18
CA CYS A 32 13.12 29.77 -43.57
C CYS A 32 11.75 29.85 -44.21
N ILE A 33 11.74 30.04 -45.54
CA ILE A 33 10.51 30.29 -46.29
C ILE A 33 10.59 29.61 -47.65
N PRO A 34 9.49 29.03 -48.14
CA PRO A 34 9.53 28.38 -49.45
C PRO A 34 9.70 29.41 -50.55
N ASP A 35 9.91 28.92 -51.77
CA ASP A 35 10.09 29.82 -52.89
C ASP A 35 8.76 30.49 -53.26
N PHE A 36 8.87 31.57 -54.01
CA PHE A 36 7.70 32.30 -54.52
C PHE A 36 7.35 31.77 -55.90
N VAL A 37 6.12 31.29 -56.05
CA VAL A 37 5.66 30.74 -57.33
C VAL A 37 4.20 31.10 -57.57
N ASN A 38 3.79 30.97 -58.84
CA ASN A 38 2.39 31.08 -59.20
C ASN A 38 1.70 29.80 -58.76
N SER A 39 0.89 29.90 -57.70
CA SER A 39 0.23 28.70 -57.20
C SER A 39 -0.86 28.20 -58.14
N ALA A 40 -1.06 28.84 -59.28
CA ALA A 40 -2.08 28.42 -60.22
C ALA A 40 -1.52 27.77 -61.46
N PHE A 41 -0.22 27.77 -61.64
CA PHE A 41 0.36 27.21 -62.85
C PHE A 41 -0.02 25.75 -62.99
N GLY A 42 -0.57 25.39 -64.15
CA GLY A 42 -1.00 24.03 -64.46
C GLY A 42 -2.18 23.53 -63.65
N LYS A 43 -2.64 24.29 -62.66
CA LYS A 43 -3.72 23.84 -61.80
C LYS A 43 -5.04 23.79 -62.56
N GLU A 44 -5.86 22.78 -62.23
CA GLU A 44 -7.20 22.71 -62.80
C GLU A 44 -8.06 23.86 -62.28
N VAL A 45 -9.06 24.24 -63.08
CA VAL A 45 -9.95 25.34 -62.71
C VAL A 45 -11.39 24.90 -62.94
N LYS A 46 -12.30 25.39 -62.09
CA LYS A 46 -13.72 25.08 -62.13
C LYS A 46 -14.51 26.33 -62.46
N VAL A 47 -15.18 26.34 -63.61
CA VAL A 47 -15.92 27.51 -64.06
C VAL A 47 -17.39 27.15 -64.19
N SER A 48 -18.24 28.17 -64.10
CA SER A 48 -19.68 28.01 -64.26
C SER A 48 -20.16 28.41 -65.65
N SER A 49 -19.25 28.47 -66.64
CA SER A 49 -19.64 28.82 -68.00
C SER A 49 -18.50 28.52 -68.95
N THR A 50 -18.83 28.05 -70.16
CA THR A 50 -17.86 27.76 -71.20
C THR A 50 -18.54 27.38 -72.51
N CYS A 51 -18.12 28.00 -73.62
CA CYS A 51 -18.73 27.74 -74.93
C CYS A 51 -18.29 26.38 -75.46
N GLY A 52 -19.17 25.77 -76.26
CA GLY A 52 -18.87 24.49 -76.89
C GLY A 52 -20.02 23.50 -76.87
N LYS A 53 -20.74 23.44 -75.73
CA LYS A 53 -21.87 22.53 -75.55
C LYS A 53 -23.13 23.35 -75.31
N PRO A 54 -23.89 23.69 -76.36
CA PRO A 54 -23.59 23.30 -77.75
C PRO A 54 -22.69 24.30 -78.48
N PRO A 55 -22.22 23.93 -79.67
CA PRO A 55 -21.37 24.84 -80.45
C PRO A 55 -22.12 26.08 -80.89
N SER A 56 -21.51 27.25 -80.63
CA SER A 56 -22.10 28.53 -80.99
C SER A 56 -21.02 29.44 -81.55
N ARG A 57 -21.46 30.57 -82.10
CA ARG A 57 -20.55 31.57 -82.63
C ARG A 57 -20.36 32.71 -81.63
N TYR A 58 -19.38 33.57 -81.92
CA TYR A 58 -19.05 34.71 -81.10
C TYR A 58 -18.43 35.77 -82.00
N CYS A 59 -18.76 37.03 -81.74
CA CYS A 59 -18.27 38.14 -82.56
C CYS A 59 -17.15 38.86 -81.84
N VAL A 60 -16.13 39.26 -82.62
CA VAL A 60 -14.95 39.94 -82.11
C VAL A 60 -14.70 41.16 -82.98
N VAL A 61 -14.71 42.35 -82.37
CA VAL A 61 -14.49 43.60 -83.08
C VAL A 61 -13.00 43.93 -83.04
N THR A 62 -12.37 43.99 -84.21
CA THR A 62 -10.96 44.32 -84.32
C THR A 62 -10.79 45.58 -85.15
N GLU A 63 -9.98 46.50 -84.67
CA GLU A 63 -9.78 47.80 -85.28
C GLU A 63 -8.59 47.79 -86.23
N LYS A 64 -8.62 48.70 -87.20
CA LYS A 64 -7.58 48.79 -88.23
C LYS A 64 -7.49 50.26 -88.68
N GLY A 65 -6.68 51.03 -87.96
CA GLY A 65 -6.45 52.43 -88.28
C GLY A 65 -7.55 53.31 -87.72
N GLU A 66 -8.71 53.31 -88.36
CA GLU A 66 -9.94 53.85 -87.77
C GLU A 66 -11.21 52.98 -87.82
N GLU A 67 -11.56 52.35 -88.95
CA GLU A 67 -12.78 51.51 -88.99
C GLU A 67 -12.64 50.43 -87.94
N GLN A 68 -13.65 49.60 -87.82
CA GLN A 68 -13.65 48.45 -86.90
C GLN A 68 -14.12 47.22 -87.67
N VAL A 69 -15.41 47.11 -87.91
CA VAL A 69 -15.97 45.96 -88.63
C VAL A 69 -15.71 44.70 -87.80
N ARG A 70 -16.74 44.22 -87.12
CA ARG A 70 -16.62 43.05 -86.27
C ARG A 70 -16.60 41.78 -87.10
N SER A 71 -15.90 40.76 -86.59
CA SER A 71 -15.78 39.46 -87.23
C SER A 71 -16.71 38.45 -86.56
N CYS A 72 -16.75 37.24 -87.12
CA CYS A 72 -17.55 36.16 -86.57
C CYS A 72 -16.75 34.85 -86.64
N HIS A 73 -16.81 34.09 -85.56
CA HIS A 73 -16.12 32.82 -85.48
C HIS A 73 -17.03 31.83 -84.76
N LEU A 74 -16.65 30.55 -84.80
CA LEU A 74 -17.40 29.49 -84.15
C LEU A 74 -16.54 28.85 -83.08
N CYS A 75 -17.16 28.52 -81.95
CA CYS A 75 -16.50 27.87 -80.82
C CYS A 75 -16.87 26.39 -80.84
N ASN A 76 -15.93 25.56 -81.31
CA ASN A 76 -16.16 24.12 -81.47
C ASN A 76 -15.73 23.40 -80.19
N ALA A 77 -16.67 22.66 -79.58
CA ALA A 77 -16.35 21.93 -78.36
C ALA A 77 -15.29 20.86 -78.61
N SER A 78 -15.26 20.28 -79.81
CA SER A 78 -14.38 19.17 -80.11
C SER A 78 -13.08 19.62 -80.75
N ASP A 79 -13.16 20.50 -81.76
CA ASP A 79 -11.99 20.98 -82.48
C ASP A 79 -11.02 21.65 -81.51
N PRO A 80 -9.85 21.05 -81.27
CA PRO A 80 -8.87 21.74 -80.42
C PRO A 80 -8.51 23.12 -80.93
N LYS A 81 -8.69 23.36 -82.23
CA LYS A 81 -8.37 24.62 -82.87
C LYS A 81 -9.52 25.61 -82.89
N ARG A 82 -10.67 25.28 -82.28
CA ARG A 82 -11.63 26.35 -81.99
C ARG A 82 -12.36 26.03 -80.68
N ALA A 83 -11.62 25.64 -79.64
CA ALA A 83 -12.22 25.23 -78.36
C ALA A 83 -11.50 25.94 -77.22
N HIS A 84 -12.24 26.69 -76.38
CA HIS A 84 -11.67 27.46 -75.27
C HIS A 84 -11.92 26.78 -73.94
N PRO A 85 -11.07 25.85 -73.53
CA PRO A 85 -11.29 25.13 -72.27
C PRO A 85 -10.72 25.90 -71.09
N PRO A 86 -11.24 25.66 -69.88
CA PRO A 86 -10.65 26.30 -68.70
C PRO A 86 -9.16 26.02 -68.51
N SER A 87 -8.62 25.01 -69.19
CA SER A 87 -7.20 24.72 -69.06
C SER A 87 -6.32 25.87 -69.54
N PHE A 88 -6.84 26.74 -70.42
CA PHE A 88 -6.11 27.90 -70.94
C PHE A 88 -5.89 28.99 -69.89
N LEU A 89 -6.50 28.86 -68.71
CA LEU A 89 -6.32 29.86 -67.66
C LEU A 89 -5.02 29.66 -66.90
N THR A 90 -4.56 28.42 -66.77
CA THR A 90 -3.40 28.09 -65.95
C THR A 90 -2.27 27.44 -66.73
N ASP A 91 -2.35 27.44 -68.06
CA ASP A 91 -1.30 26.85 -68.88
C ASP A 91 -0.17 27.86 -69.05
N LEU A 92 0.80 27.53 -69.90
CA LEU A 92 1.90 28.43 -70.19
C LEU A 92 1.42 29.56 -71.08
N ASN A 93 1.38 30.78 -70.53
CA ASN A 93 0.96 31.94 -71.29
C ASN A 93 2.08 32.39 -72.22
N ASN A 94 1.74 32.63 -73.48
CA ASN A 94 2.69 33.11 -74.48
C ASN A 94 2.12 34.35 -75.16
N PRO A 95 2.73 35.52 -74.98
CA PRO A 95 2.14 36.74 -75.56
C PRO A 95 1.98 36.66 -77.07
N HIS A 96 2.81 35.89 -77.74
CA HIS A 96 2.65 35.70 -79.17
C HIS A 96 1.68 34.60 -79.53
N ASN A 97 0.97 34.03 -78.55
CA ASN A 97 0.08 32.97 -79.00
C ASN A 97 -0.74 32.51 -77.80
N LEU A 98 -1.85 33.21 -77.55
CA LEU A 98 -2.55 33.24 -76.26
C LEU A 98 -3.32 31.96 -76.00
N THR A 99 -3.74 31.80 -74.75
CA THR A 99 -4.57 30.70 -74.30
C THR A 99 -5.88 31.26 -73.78
N CYS A 100 -6.70 31.77 -74.69
CA CYS A 100 -7.93 32.44 -74.33
C CYS A 100 -9.00 31.45 -73.89
N TRP A 101 -9.66 31.73 -72.78
CA TRP A 101 -10.86 31.02 -72.36
C TRP A 101 -12.05 31.96 -72.46
N GLN A 102 -13.08 31.54 -73.19
CA GLN A 102 -14.28 32.35 -73.39
C GLN A 102 -15.46 31.67 -72.74
N SER A 103 -16.36 32.47 -72.17
CA SER A 103 -17.57 31.97 -71.54
C SER A 103 -18.68 31.83 -72.59
N ASP A 104 -19.93 31.68 -72.16
CA ASP A 104 -21.07 31.69 -73.06
C ASP A 104 -21.37 33.12 -73.51
N SER A 105 -22.53 33.26 -74.14
CA SER A 105 -22.93 34.50 -74.81
C SER A 105 -23.89 35.26 -73.91
N TYR A 106 -23.55 36.52 -73.65
CA TYR A 106 -24.42 37.46 -72.93
C TYR A 106 -24.94 36.82 -71.63
N VAL A 107 -24.02 36.66 -70.69
CA VAL A 107 -24.40 36.27 -69.33
C VAL A 107 -24.49 37.54 -68.49
N GLN A 108 -25.48 38.37 -68.78
CA GLN A 108 -25.56 39.71 -68.23
C GLN A 108 -26.21 39.71 -66.86
N TYR A 109 -26.01 40.81 -66.15
CA TYR A 109 -26.59 40.97 -64.82
C TYR A 109 -28.05 40.57 -64.84
N PRO A 110 -28.58 39.95 -63.78
CA PRO A 110 -27.81 39.69 -62.55
C PRO A 110 -26.91 38.45 -62.65
N HIS A 111 -27.04 37.68 -63.73
CA HIS A 111 -26.29 36.45 -63.86
C HIS A 111 -24.79 36.77 -63.80
N ASN A 112 -24.00 35.77 -63.42
CA ASN A 112 -22.57 36.00 -63.32
C ASN A 112 -21.83 34.67 -63.47
N VAL A 113 -20.73 34.73 -64.19
CA VAL A 113 -19.84 33.59 -64.36
C VAL A 113 -18.86 33.57 -63.20
N THR A 114 -18.69 32.40 -62.59
CA THR A 114 -17.83 32.25 -61.43
C THR A 114 -16.68 31.32 -61.79
N LEU A 115 -15.48 31.68 -61.33
CA LEU A 115 -14.31 30.82 -61.45
C LEU A 115 -13.82 30.47 -60.04
N THR A 116 -13.60 29.17 -59.81
CA THR A 116 -13.17 28.68 -58.51
C THR A 116 -11.91 27.83 -58.68
N LEU A 117 -10.82 28.26 -58.03
CA LEU A 117 -9.56 27.55 -58.07
C LEU A 117 -9.26 26.95 -56.70
N SER A 118 -8.99 25.65 -56.66
CA SER A 118 -8.61 24.98 -55.42
C SER A 118 -7.10 24.71 -55.43
N LEU A 119 -6.41 25.12 -54.37
CA LEU A 119 -4.97 24.93 -54.25
C LEU A 119 -4.59 23.73 -53.39
N GLY A 120 -5.51 23.21 -52.57
CA GLY A 120 -5.20 22.08 -51.74
C GLY A 120 -4.13 22.32 -50.71
N LYS A 121 -3.90 23.57 -50.34
CA LYS A 121 -2.89 23.90 -49.33
C LYS A 121 -2.99 25.38 -49.05
N LYS A 122 -2.85 25.74 -47.79
CA LYS A 122 -2.86 27.15 -47.39
C LYS A 122 -1.66 27.86 -48.02
N PHE A 123 -1.93 28.83 -48.89
CA PHE A 123 -0.92 29.70 -49.49
C PHE A 123 -1.10 31.11 -48.95
N GLU A 124 0.03 31.82 -48.78
CA GLU A 124 0.01 33.24 -48.41
C GLU A 124 0.01 34.05 -49.71
N VAL A 125 -1.17 34.49 -50.12
CA VAL A 125 -1.33 35.11 -51.43
C VAL A 125 -0.73 36.50 -51.45
N THR A 126 0.02 36.81 -52.51
CA THR A 126 0.59 38.12 -52.73
C THR A 126 -0.14 38.89 -53.82
N TYR A 127 -0.64 38.21 -54.85
CA TYR A 127 -1.37 38.90 -55.89
C TYR A 127 -2.27 37.90 -56.62
N VAL A 128 -3.22 38.46 -57.37
CA VAL A 128 -4.19 37.74 -58.18
C VAL A 128 -4.44 38.55 -59.44
N SER A 129 -3.99 38.06 -60.59
CA SER A 129 -4.08 38.82 -61.84
C SER A 129 -4.85 38.03 -62.88
N LEU A 130 -5.67 38.75 -63.65
CA LEU A 130 -6.47 38.16 -64.72
C LEU A 130 -6.22 38.99 -65.97
N GLN A 131 -5.67 38.36 -66.99
CA GLN A 131 -5.41 39.02 -68.27
C GLN A 131 -6.53 38.65 -69.23
N PHE A 132 -7.41 39.61 -69.52
CA PHE A 132 -8.57 39.37 -70.37
C PHE A 132 -8.24 39.68 -71.83
N CYS A 133 -8.39 38.67 -72.69
CA CYS A 133 -8.28 38.90 -74.12
C CYS A 133 -9.54 39.55 -74.71
N SER A 134 -10.60 39.72 -73.90
CA SER A 134 -11.75 40.52 -74.30
C SER A 134 -11.86 41.74 -73.39
N PRO A 135 -12.89 42.57 -73.54
CA PRO A 135 -13.06 43.70 -72.63
C PRO A 135 -13.22 43.22 -71.19
N ARG A 136 -12.50 43.87 -70.28
CA ARG A 136 -12.54 43.51 -68.87
C ARG A 136 -13.96 43.69 -68.34
N PRO A 137 -14.32 42.96 -67.27
CA PRO A 137 -15.69 43.05 -66.75
C PRO A 137 -16.01 44.41 -66.17
N GLU A 138 -17.30 44.76 -66.20
CA GLU A 138 -17.74 45.99 -65.55
C GLU A 138 -17.75 45.84 -64.03
N SER A 139 -17.97 44.61 -63.54
CA SER A 139 -18.03 44.38 -62.11
C SER A 139 -17.64 42.93 -61.86
N MET A 140 -16.49 42.71 -61.21
CA MET A 140 -16.05 41.39 -60.81
C MET A 140 -15.81 41.36 -59.31
N ALA A 141 -15.77 40.15 -58.77
CA ALA A 141 -15.56 39.92 -57.35
C ALA A 141 -14.48 38.86 -57.18
N ILE A 142 -13.60 39.05 -56.22
CA ILE A 142 -12.52 38.12 -55.92
C ILE A 142 -12.68 37.66 -54.49
N TYR A 143 -12.94 36.37 -54.30
CA TYR A 143 -13.13 35.79 -52.98
C TYR A 143 -12.03 34.77 -52.69
N LYS A 144 -11.84 34.49 -51.40
CA LYS A 144 -10.91 33.47 -50.94
C LYS A 144 -11.67 32.50 -50.06
N SER A 145 -10.98 31.45 -49.61
CA SER A 145 -11.55 30.49 -48.67
C SER A 145 -10.52 30.20 -47.60
N MET A 146 -10.88 30.45 -46.33
CA MET A 146 -9.95 30.16 -45.25
C MET A 146 -9.79 28.66 -45.06
N ASP A 147 -10.91 27.94 -45.01
CA ASP A 147 -10.86 26.48 -44.96
C ASP A 147 -10.54 25.98 -46.36
N TYR A 148 -11.16 24.90 -46.79
CA TYR A 148 -10.84 24.27 -48.06
C TYR A 148 -12.06 24.22 -48.98
N GLY A 149 -12.85 25.29 -48.98
CA GLY A 149 -13.99 25.40 -49.89
C GLY A 149 -15.34 25.51 -49.23
N LYS A 150 -15.46 25.53 -47.90
CA LYS A 150 -16.76 25.65 -47.24
C LYS A 150 -17.18 27.11 -47.09
N THR A 151 -16.32 27.94 -46.50
CA THR A 151 -16.61 29.34 -46.25
C THR A 151 -15.79 30.22 -47.19
N TRP A 152 -16.45 31.19 -47.81
CA TRP A 152 -15.82 32.18 -48.67
C TRP A 152 -15.77 33.53 -47.99
N VAL A 153 -14.83 34.37 -48.40
CA VAL A 153 -14.61 35.66 -47.76
C VAL A 153 -14.33 36.71 -48.83
N PRO A 154 -14.92 37.91 -48.73
CA PRO A 154 -14.67 38.94 -49.74
C PRO A 154 -13.20 39.29 -49.74
N PHE A 155 -12.68 39.76 -50.88
CA PHE A 155 -11.24 39.95 -50.84
C PHE A 155 -10.85 41.15 -51.71
N GLN A 156 -11.36 41.25 -52.94
CA GLN A 156 -11.34 42.52 -53.65
C GLN A 156 -12.58 42.68 -54.51
N PHE A 157 -12.98 43.94 -54.72
CA PHE A 157 -14.13 44.25 -55.54
C PHE A 157 -13.75 45.28 -56.58
N TYR A 158 -14.38 45.17 -57.76
CA TYR A 158 -14.21 46.11 -58.86
C TYR A 158 -15.57 46.38 -59.47
N SER A 159 -15.89 47.65 -59.69
CA SER A 159 -17.20 47.98 -60.25
C SER A 159 -17.39 49.48 -60.39
N THR A 160 -18.17 49.87 -61.41
CA THR A 160 -18.48 51.28 -61.62
C THR A 160 -19.44 51.80 -60.55
N GLN A 161 -20.30 50.94 -60.03
CA GLN A 161 -21.27 51.29 -59.00
C GLN A 161 -20.99 50.41 -57.80
N CYS A 162 -19.93 50.76 -57.07
CA CYS A 162 -19.55 50.00 -55.88
C CYS A 162 -20.73 49.85 -54.94
N ARG A 163 -21.27 50.97 -54.45
CA ARG A 163 -22.38 50.89 -53.51
C ARG A 163 -23.61 50.26 -54.15
N LYS A 164 -23.83 50.53 -55.44
CA LYS A 164 -25.06 50.10 -56.09
C LYS A 164 -25.13 48.59 -56.32
N MET A 165 -23.97 47.93 -56.45
CA MET A 165 -23.98 46.51 -56.82
C MET A 165 -23.34 45.59 -55.79
N TYR A 166 -22.20 45.97 -55.23
CA TYR A 166 -21.56 45.18 -54.19
C TYR A 166 -21.75 45.79 -52.81
N ASN A 167 -22.60 46.81 -52.69
CA ASN A 167 -22.88 47.44 -51.42
C ASN A 167 -21.59 47.81 -50.68
N LYS A 168 -20.56 48.17 -51.44
CA LYS A 168 -19.33 48.61 -50.83
C LYS A 168 -19.12 50.09 -51.11
N PRO A 169 -18.59 50.83 -50.14
CA PRO A 169 -18.15 52.21 -50.44
C PRO A 169 -16.93 52.21 -51.36
N SER A 170 -16.91 53.17 -52.28
CA SER A 170 -15.80 53.27 -53.22
C SER A 170 -14.53 53.71 -52.49
N ARG A 171 -13.50 52.86 -52.55
CA ARG A 171 -12.15 53.12 -52.02
C ARG A 171 -12.19 53.49 -50.53
N ALA A 172 -12.52 52.47 -49.74
CA ALA A 172 -12.65 52.66 -48.30
C ALA A 172 -11.30 52.98 -47.67
N ALA A 173 -11.34 53.72 -46.57
CA ALA A 173 -10.13 54.04 -45.84
C ALA A 173 -9.69 52.83 -45.02
N ILE A 174 -8.42 52.45 -45.17
CA ILE A 174 -7.87 51.27 -44.49
C ILE A 174 -7.19 51.72 -43.20
N THR A 175 -7.76 51.35 -42.05
CA THR A 175 -7.21 51.70 -40.76
C THR A 175 -6.84 50.43 -40.00
N LYS A 176 -5.91 50.58 -39.07
CA LYS A 176 -5.56 49.45 -38.20
C LYS A 176 -6.81 48.85 -37.57
N GLN A 177 -7.85 49.67 -37.36
CA GLN A 177 -9.11 49.19 -36.77
C GLN A 177 -9.76 48.11 -37.63
N ASN A 178 -9.54 48.13 -38.94
CA ASN A 178 -10.03 47.07 -39.82
C ASN A 178 -9.18 46.97 -41.07
N GLU A 179 -8.07 46.24 -40.98
CA GLU A 179 -7.14 46.12 -42.11
C GLU A 179 -7.61 45.12 -43.15
N GLN A 180 -8.53 44.22 -42.80
CA GLN A 180 -9.03 43.24 -43.75
C GLN A 180 -10.21 43.76 -44.57
N GLU A 181 -10.37 45.07 -44.68
CA GLU A 181 -11.45 45.64 -45.47
C GLU A 181 -11.37 45.18 -46.92
N ALA A 182 -12.49 44.68 -47.42
CA ALA A 182 -12.64 44.42 -48.85
C ALA A 182 -12.88 45.74 -49.56
N ILE A 183 -11.91 46.17 -50.36
CA ILE A 183 -11.97 47.45 -51.06
C ILE A 183 -12.60 47.26 -52.42
N CYS A 184 -13.65 48.03 -52.69
CA CYS A 184 -14.23 48.12 -54.01
C CYS A 184 -13.69 49.36 -54.69
N THR A 185 -13.46 49.26 -56.00
CA THR A 185 -12.92 50.37 -56.75
C THR A 185 -13.52 50.38 -58.15
N ASP A 186 -13.67 51.58 -58.70
CA ASP A 186 -14.02 51.76 -60.10
C ASP A 186 -12.77 51.90 -60.99
N SER A 187 -11.59 51.58 -60.45
CA SER A 187 -10.35 51.62 -61.20
C SER A 187 -10.08 50.27 -61.83
N HIS A 188 -9.49 50.28 -63.04
CA HIS A 188 -9.21 49.09 -63.80
C HIS A 188 -10.45 48.47 -64.41
N THR A 189 -11.63 49.01 -64.12
CA THR A 189 -12.89 48.52 -64.68
C THR A 189 -13.33 49.36 -65.87
N ASP A 190 -12.44 49.50 -66.86
CA ASP A 190 -12.74 50.24 -68.08
C ASP A 190 -12.70 49.29 -69.27
N VAL A 191 -13.54 49.59 -70.27
CA VAL A 191 -13.67 48.74 -71.45
C VAL A 191 -12.31 48.67 -72.13
N ARG A 192 -12.04 49.65 -72.93
CA ARG A 192 -10.74 49.70 -73.59
C ARG A 192 -9.64 49.79 -72.53
N PRO A 193 -8.54 49.02 -72.66
CA PRO A 193 -8.25 48.21 -73.86
C PRO A 193 -9.24 47.08 -74.06
N LEU A 194 -9.88 47.06 -75.23
CA LEU A 194 -10.86 46.02 -75.55
C LEU A 194 -10.26 44.63 -75.57
N SER A 195 -8.93 44.50 -75.48
CA SER A 195 -8.28 43.21 -75.49
C SER A 195 -7.02 43.29 -74.63
N GLY A 196 -6.70 42.18 -73.97
CA GLY A 196 -5.49 42.08 -73.18
C GLY A 196 -5.46 42.89 -71.91
N GLY A 197 -6.61 43.33 -71.42
CA GLY A 197 -6.61 44.14 -70.20
C GLY A 197 -6.22 43.30 -68.99
N LEU A 198 -5.45 43.91 -68.09
CA LEU A 198 -5.12 43.29 -66.82
C LEU A 198 -5.98 43.79 -65.67
N ILE A 199 -5.99 42.95 -64.63
CA ILE A 199 -6.55 43.21 -63.33
C ILE A 199 -5.59 42.53 -62.37
N ALA A 200 -4.88 43.31 -61.56
CA ALA A 200 -3.89 42.78 -60.62
C ALA A 200 -4.26 43.27 -59.23
N PHE A 201 -4.55 42.33 -58.32
CA PHE A 201 -4.89 42.65 -56.95
C PHE A 201 -3.74 42.24 -56.03
N SER A 202 -3.14 43.23 -55.36
CA SER A 202 -2.09 43.00 -54.38
C SER A 202 -2.70 43.05 -52.98
N THR A 203 -2.50 41.99 -52.20
CA THR A 203 -3.16 41.86 -50.91
C THR A 203 -2.58 42.82 -49.88
N LEU A 204 -1.31 43.21 -50.03
CA LEU A 204 -0.66 44.07 -49.05
C LEU A 204 -0.58 45.53 -49.47
N ASP A 205 -0.94 45.88 -50.69
CA ASP A 205 -0.96 47.28 -51.06
C ASP A 205 -1.88 48.05 -50.11
N GLY A 206 -1.43 49.23 -49.69
CA GLY A 206 -2.24 50.07 -48.85
C GLY A 206 -2.69 49.45 -47.54
N ARG A 207 -2.00 48.45 -47.06
CA ARG A 207 -2.34 47.91 -45.75
C ARG A 207 -1.50 48.59 -44.67
N PRO A 208 -2.10 49.10 -43.60
CA PRO A 208 -1.32 49.91 -42.64
C PRO A 208 -0.08 49.21 -42.11
N THR A 209 -0.17 47.91 -41.83
CA THR A 209 0.92 47.20 -41.16
C THR A 209 1.67 46.25 -42.09
N ALA A 210 1.70 46.57 -43.39
CA ALA A 210 2.29 45.66 -44.37
C ALA A 210 3.81 45.62 -44.27
N HIS A 211 4.44 46.68 -43.77
CA HIS A 211 5.89 46.67 -43.60
C HIS A 211 6.30 45.72 -42.48
N ASP A 212 5.51 45.67 -41.41
CA ASP A 212 5.76 44.77 -40.28
C ASP A 212 4.83 43.56 -40.37
N PHE A 213 5.07 42.76 -41.41
CA PHE A 213 4.19 41.62 -41.68
C PHE A 213 4.44 40.50 -40.68
N ASP A 214 5.70 40.09 -40.50
CA ASP A 214 6.03 39.02 -39.56
C ASP A 214 5.42 39.29 -38.19
N ASN A 215 5.33 40.55 -37.79
CA ASN A 215 4.77 40.92 -36.50
C ASN A 215 3.36 41.50 -36.62
N SER A 216 2.62 41.11 -37.66
CA SER A 216 1.22 41.48 -37.82
C SER A 216 0.43 40.21 -38.12
N PRO A 217 -0.28 39.66 -37.14
CA PRO A 217 -1.03 38.42 -37.42
C PRO A 217 -2.30 38.68 -38.24
N VAL A 218 -2.92 39.84 -38.08
CA VAL A 218 -4.14 40.13 -38.83
C VAL A 218 -3.86 40.07 -40.33
N LEU A 219 -2.69 40.53 -40.76
CA LEU A 219 -2.31 40.49 -42.19
C LEU A 219 -1.88 39.10 -42.63
N GLN A 220 -1.34 38.30 -41.72
CA GLN A 220 -1.04 36.90 -42.04
C GLN A 220 -2.31 36.13 -42.32
N ASP A 221 -3.36 36.37 -41.53
CA ASP A 221 -4.66 35.77 -41.82
C ASP A 221 -5.26 36.36 -43.09
N TRP A 222 -4.97 37.62 -43.38
CA TRP A 222 -5.55 38.26 -44.55
C TRP A 222 -5.00 37.64 -45.84
N VAL A 223 -3.75 37.20 -45.80
CA VAL A 223 -3.05 36.73 -47.00
C VAL A 223 -3.15 35.22 -47.16
N THR A 224 -3.68 34.51 -46.17
CA THR A 224 -3.75 33.06 -46.23
C THR A 224 -5.08 32.63 -46.86
N ALA A 225 -5.01 31.64 -47.76
CA ALA A 225 -6.19 31.14 -48.46
C ALA A 225 -5.85 29.82 -49.14
N THR A 226 -6.89 28.97 -49.33
CA THR A 226 -6.74 27.71 -50.04
C THR A 226 -7.57 27.61 -51.31
N ASP A 227 -8.53 28.51 -51.51
CA ASP A 227 -9.33 28.56 -52.72
C ASP A 227 -9.52 30.02 -53.12
N ILE A 228 -9.67 30.26 -54.42
CA ILE A 228 -9.89 31.59 -54.98
C ILE A 228 -11.12 31.55 -55.88
N LYS A 229 -12.13 32.35 -55.58
CA LYS A 229 -13.32 32.47 -56.40
C LYS A 229 -13.32 33.82 -57.09
N VAL A 230 -13.72 33.83 -58.36
CA VAL A 230 -13.78 35.03 -59.18
C VAL A 230 -15.16 35.08 -59.81
N THR A 231 -15.98 36.03 -59.37
CA THR A 231 -17.35 36.21 -59.85
C THR A 231 -17.39 37.41 -60.79
N PHE A 232 -17.97 37.22 -61.97
CA PHE A 232 -18.11 38.29 -62.97
C PHE A 232 -19.58 38.73 -62.99
N SER A 233 -19.88 39.81 -62.27
CA SER A 233 -21.27 40.18 -62.01
C SER A 233 -21.95 40.82 -63.23
N ARG A 234 -21.48 42.00 -63.65
CA ARG A 234 -22.05 42.68 -64.81
C ARG A 234 -21.09 42.55 -65.99
N LEU A 235 -21.49 43.13 -67.11
CA LEU A 235 -20.70 43.02 -68.34
C LEU A 235 -20.90 44.30 -69.14
N HIS A 236 -19.83 44.80 -69.76
CA HIS A 236 -19.93 46.04 -70.51
C HIS A 236 -20.72 45.83 -71.80
N THR A 237 -21.59 46.78 -72.13
CA THR A 237 -22.34 46.73 -73.38
C THR A 237 -22.47 48.14 -73.92
N PHE A 238 -22.88 48.23 -75.19
CA PHE A 238 -23.05 49.53 -75.84
C PHE A 238 -24.52 49.79 -76.12
N GLY A 239 -24.88 50.17 -77.35
CA GLY A 239 -26.30 50.21 -77.65
C GLY A 239 -26.94 48.89 -78.01
N ASP A 240 -26.11 47.87 -78.26
CA ASP A 240 -26.55 46.63 -78.89
C ASP A 240 -26.99 45.69 -77.77
N GLU A 241 -28.29 45.54 -77.60
CA GLU A 241 -28.83 44.91 -76.39
C GLU A 241 -30.25 44.44 -76.64
N ASN A 242 -31.17 45.39 -76.77
CA ASN A 242 -32.51 45.08 -77.25
C ASN A 242 -32.54 45.13 -78.77
N GLU A 243 -32.35 46.32 -79.33
CA GLU A 243 -32.33 46.55 -80.77
C GLU A 243 -33.41 45.74 -81.46
N ASP A 244 -33.02 44.98 -82.47
CA ASP A 244 -33.89 43.99 -83.11
C ASP A 244 -32.99 42.88 -83.63
N ASP A 245 -31.89 43.26 -84.27
CA ASP A 245 -30.83 42.35 -84.65
C ASP A 245 -29.95 41.96 -83.48
N SER A 246 -30.55 41.76 -82.30
CA SER A 246 -29.77 41.49 -81.10
C SER A 246 -28.81 40.32 -81.27
N GLU A 247 -29.03 39.48 -82.29
CA GLU A 247 -28.23 38.27 -82.48
C GLU A 247 -28.57 37.23 -81.43
N LEU A 248 -29.70 36.56 -81.62
CA LEU A 248 -30.28 35.67 -80.62
C LEU A 248 -29.50 34.37 -80.47
N ALA A 249 -28.40 34.18 -81.21
CA ALA A 249 -27.68 32.92 -81.22
C ALA A 249 -26.23 33.03 -80.77
N ARG A 250 -25.73 34.22 -80.48
CA ARG A 250 -24.33 34.33 -80.11
C ARG A 250 -23.97 35.68 -79.49
N ASP A 251 -24.21 36.78 -80.20
CA ASP A 251 -23.88 38.10 -79.67
C ASP A 251 -22.38 38.22 -79.39
N SER A 252 -21.90 39.46 -79.20
CA SER A 252 -20.49 39.74 -79.09
C SER A 252 -20.02 40.09 -77.69
N TYR A 253 -20.95 40.25 -76.74
CA TYR A 253 -20.61 40.55 -75.35
C TYR A 253 -20.38 39.24 -74.60
N PHE A 254 -19.22 39.12 -73.95
CA PHE A 254 -18.84 37.89 -73.27
C PHE A 254 -17.58 38.14 -72.46
N TYR A 255 -17.29 37.21 -71.56
CA TYR A 255 -16.07 37.22 -70.76
C TYR A 255 -15.02 36.34 -71.40
N ALA A 256 -13.75 36.64 -71.13
CA ALA A 256 -12.63 35.88 -71.70
C ALA A 256 -11.30 36.27 -71.06
N VAL A 257 -10.62 35.30 -70.47
CA VAL A 257 -9.33 35.53 -69.80
C VAL A 257 -8.31 34.56 -70.37
N SER A 258 -7.12 35.08 -70.67
CA SER A 258 -6.05 34.30 -71.28
C SER A 258 -5.09 33.68 -70.27
N ASP A 259 -4.86 34.35 -69.14
CA ASP A 259 -4.00 33.83 -68.09
C ASP A 259 -4.60 34.22 -66.74
N LEU A 260 -4.64 33.28 -65.80
CA LEU A 260 -5.04 33.52 -64.42
C LEU A 260 -3.88 33.13 -63.51
N GLN A 261 -3.27 34.13 -62.86
CA GLN A 261 -2.15 33.90 -61.97
C GLN A 261 -2.52 34.29 -60.54
N VAL A 262 -2.02 33.51 -59.58
CA VAL A 262 -2.19 33.78 -58.16
C VAL A 262 -0.87 33.53 -57.44
N GLY A 263 0.03 34.51 -57.49
CA GLY A 263 1.33 34.33 -56.89
C GLY A 263 1.29 34.41 -55.38
N GLY A 264 2.32 33.85 -54.78
CA GLY A 264 2.40 33.81 -53.32
C GLY A 264 3.47 32.84 -52.87
N ARG A 265 3.25 32.27 -51.68
CA ARG A 265 4.14 31.28 -51.11
C ARG A 265 3.32 30.23 -50.38
N CYS A 266 3.85 29.03 -50.29
CA CYS A 266 3.26 28.01 -49.45
C CYS A 266 3.38 28.44 -47.99
N LYS A 267 2.27 28.42 -47.24
CA LYS A 267 2.28 28.90 -45.86
C LYS A 267 2.88 27.86 -44.93
N CYS A 268 4.04 28.17 -44.37
CA CYS A 268 4.72 27.29 -43.41
C CYS A 268 5.18 28.04 -42.17
N ASN A 269 4.66 29.24 -41.94
CA ASN A 269 5.01 30.00 -40.76
C ASN A 269 6.53 30.07 -40.57
N GLY A 270 7.26 30.14 -41.67
CA GLY A 270 8.70 30.31 -41.59
C GLY A 270 9.45 29.14 -40.97
N HIS A 271 8.86 27.95 -40.97
CA HIS A 271 9.52 26.77 -40.41
C HIS A 271 9.73 25.69 -41.47
N ALA A 272 9.70 26.07 -42.75
CA ALA A 272 9.89 25.11 -43.82
C ALA A 272 10.54 25.80 -45.01
N SER A 273 11.57 25.18 -45.56
CA SER A 273 12.24 25.68 -46.76
C SER A 273 11.44 25.42 -48.03
N ARG A 274 10.45 24.52 -47.99
CA ARG A 274 9.79 24.08 -49.20
C ARG A 274 8.62 23.19 -48.80
N CYS A 275 7.59 23.20 -49.64
CA CYS A 275 6.45 22.31 -49.50
C CYS A 275 6.63 21.09 -50.42
N VAL A 276 6.30 19.91 -49.89
CA VAL A 276 6.51 18.65 -50.61
C VAL A 276 5.19 17.91 -50.77
N ARG A 277 5.26 16.66 -51.22
CA ARG A 277 4.08 15.86 -51.51
C ARG A 277 3.84 14.86 -50.38
N ASP A 278 2.58 14.79 -49.93
CA ASP A 278 2.20 13.98 -48.79
C ASP A 278 2.17 12.50 -49.17
N ARG A 279 2.00 11.65 -48.15
CA ARG A 279 1.79 10.23 -48.41
C ARG A 279 0.65 10.01 -49.39
N ASP A 280 -0.33 10.92 -49.40
CA ASP A 280 -1.47 10.82 -50.29
C ASP A 280 -1.41 11.84 -51.44
N ASP A 281 -0.22 12.31 -51.79
CA ASP A 281 0.02 13.22 -52.92
C ASP A 281 -0.42 14.65 -52.63
N ASN A 282 -0.86 14.94 -51.40
CA ASN A 282 -1.27 16.29 -51.03
C ASN A 282 -0.04 17.15 -50.75
N LEU A 283 -0.18 18.45 -50.97
CA LEU A 283 0.92 19.37 -50.71
C LEU A 283 0.95 19.72 -49.22
N VAL A 284 2.15 19.70 -48.62
CA VAL A 284 2.32 20.01 -47.20
C VAL A 284 3.75 20.49 -46.97
N CYS A 285 3.92 21.24 -45.88
CA CYS A 285 5.24 21.77 -45.55
C CYS A 285 6.17 20.65 -45.07
N ASP A 286 7.41 20.70 -45.54
CA ASP A 286 8.49 19.88 -44.97
C ASP A 286 9.02 20.60 -43.73
N CYS A 287 8.22 20.52 -42.66
CA CYS A 287 8.50 21.32 -41.47
C CYS A 287 9.85 20.96 -40.88
N LYS A 288 10.54 21.98 -40.37
CA LYS A 288 11.77 21.86 -39.61
C LYS A 288 11.56 22.51 -38.24
N HIS A 289 12.65 22.69 -37.50
CA HIS A 289 12.58 23.37 -36.20
C HIS A 289 11.73 22.61 -35.20
N ASN A 290 11.54 21.31 -35.40
CA ASN A 290 10.76 20.49 -34.48
C ASN A 290 9.27 20.83 -34.53
N THR A 291 8.77 21.29 -35.67
CA THR A 291 7.36 21.59 -35.81
C THR A 291 6.71 20.52 -36.67
N ALA A 292 5.38 20.45 -36.60
CA ALA A 292 4.61 19.53 -37.43
C ALA A 292 3.37 20.27 -37.93
N GLY A 293 2.56 19.55 -38.71
CA GLY A 293 1.32 20.10 -39.22
C GLY A 293 1.47 20.67 -40.61
N PRO A 294 0.36 20.75 -41.33
CA PRO A 294 0.45 21.11 -42.76
C PRO A 294 1.17 22.42 -42.98
N GLU A 295 1.00 23.39 -42.08
CA GLU A 295 1.67 24.68 -42.17
C GLU A 295 2.65 24.89 -41.02
N CYS A 296 3.06 23.82 -40.35
CA CYS A 296 3.99 23.93 -39.22
C CYS A 296 3.42 24.81 -38.10
N ASP A 297 2.09 24.77 -37.96
CA ASP A 297 1.41 25.40 -36.83
C ASP A 297 1.70 24.70 -35.49
N ARG A 298 1.21 23.48 -35.27
CA ARG A 298 1.62 22.76 -34.06
C ARG A 298 3.10 22.38 -34.13
N CYS A 299 3.51 21.36 -33.37
CA CYS A 299 4.92 20.98 -33.40
C CYS A 299 5.12 19.61 -32.75
N LYS A 300 6.19 18.92 -33.20
CA LYS A 300 6.40 17.48 -32.96
C LYS A 300 6.16 17.05 -31.52
N PRO A 301 5.93 15.76 -31.30
CA PRO A 301 5.72 15.27 -29.93
C PRO A 301 6.94 15.52 -29.07
N PHE A 302 6.74 15.46 -27.75
CA PHE A 302 7.80 15.62 -26.77
C PHE A 302 8.52 16.96 -26.87
N HIS A 303 8.09 17.83 -27.80
CA HIS A 303 8.65 19.17 -27.90
C HIS A 303 7.62 20.21 -27.47
N TYR A 304 7.16 20.12 -26.24
CA TYR A 304 6.06 20.95 -25.76
C TYR A 304 6.47 21.92 -24.65
N ASP A 305 7.75 21.98 -24.30
CA ASP A 305 8.19 23.05 -23.43
C ASP A 305 8.21 24.35 -24.23
N ARG A 306 7.56 25.39 -23.71
CA ARG A 306 7.41 26.68 -24.38
C ARG A 306 6.44 26.57 -25.56
N PRO A 307 5.40 27.41 -25.62
CA PRO A 307 4.37 27.24 -26.63
C PRO A 307 4.90 27.56 -28.03
N TRP A 308 4.07 27.31 -29.02
CA TRP A 308 4.46 27.51 -30.40
C TRP A 308 4.25 28.96 -30.81
N GLN A 309 5.28 29.55 -31.42
CA GLN A 309 5.21 30.89 -31.97
C GLN A 309 5.56 30.83 -33.46
N ARG A 310 5.26 31.92 -34.16
CA ARG A 310 5.59 32.00 -35.57
C ARG A 310 7.07 32.34 -35.75
N ALA A 311 7.61 31.96 -36.91
CA ALA A 311 8.99 32.26 -37.23
C ALA A 311 9.13 33.73 -37.61
N THR A 312 10.09 34.41 -36.99
CA THR A 312 10.35 35.81 -37.25
C THR A 312 11.79 35.99 -37.71
N ALA A 313 12.08 37.17 -38.27
CA ALA A 313 13.45 37.45 -38.70
C ALA A 313 14.40 37.58 -37.52
N ARG A 314 13.90 37.97 -36.34
CA ARG A 314 14.72 38.16 -35.16
C ARG A 314 14.97 36.87 -34.40
N GLU A 315 13.97 35.99 -34.33
CA GLU A 315 14.10 34.73 -33.62
C GLU A 315 13.49 33.61 -34.47
N ALA A 316 14.04 32.41 -34.32
CA ALA A 316 13.50 31.27 -35.06
C ALA A 316 12.25 30.70 -34.40
N ASN A 317 12.21 30.66 -33.07
CA ASN A 317 11.02 30.27 -32.30
C ASN A 317 10.53 28.87 -32.68
N GLU A 318 11.31 27.87 -32.28
CA GLU A 318 10.98 26.48 -32.51
C GLU A 318 10.63 25.82 -31.18
N CYS A 319 9.64 24.92 -31.21
CA CYS A 319 9.32 24.21 -29.97
C CYS A 319 10.54 23.49 -29.45
N VAL A 320 10.76 23.59 -28.15
CA VAL A 320 11.87 22.92 -27.48
C VAL A 320 11.31 21.72 -26.72
N ALA A 321 12.12 20.67 -26.64
CA ALA A 321 11.70 19.44 -26.01
C ALA A 321 11.67 19.58 -24.49
N CYS A 322 10.87 18.73 -23.86
CA CYS A 322 10.74 18.75 -22.42
C CYS A 322 11.97 18.11 -21.79
N ASN A 323 12.34 18.63 -20.62
CA ASN A 323 13.49 18.11 -19.88
C ASN A 323 12.98 17.11 -18.85
N CYS A 324 13.30 15.83 -19.06
CA CYS A 324 12.88 14.74 -18.18
C CYS A 324 14.07 13.91 -17.70
N ASN A 325 15.23 14.55 -17.58
CA ASN A 325 16.47 13.91 -17.12
C ASN A 325 16.66 12.53 -17.76
N LEU A 326 16.25 12.41 -19.03
CA LEU A 326 16.49 11.22 -19.83
C LEU A 326 15.72 10.01 -19.28
N HIS A 327 14.49 10.24 -18.82
CA HIS A 327 13.66 9.16 -18.29
C HIS A 327 12.38 9.02 -19.11
N ALA A 328 11.42 9.94 -19.00
CA ALA A 328 10.16 9.81 -19.71
C ALA A 328 10.31 10.18 -21.19
N ARG A 329 9.29 9.85 -21.97
CA ARG A 329 9.26 10.12 -23.40
C ARG A 329 8.18 11.13 -23.79
N ARG A 330 6.96 10.95 -23.29
CA ARG A 330 5.88 11.87 -23.58
C ARG A 330 5.91 13.02 -22.59
N CYS A 331 5.34 14.15 -23.01
CA CYS A 331 5.19 15.30 -22.13
C CYS A 331 4.09 16.19 -22.72
N ARG A 332 3.95 17.39 -22.17
CA ARG A 332 2.79 18.17 -22.54
C ARG A 332 2.90 19.57 -21.93
N PHE A 333 2.53 20.58 -22.71
CA PHE A 333 2.76 21.96 -22.30
C PHE A 333 1.70 22.45 -21.34
N ASN A 334 2.12 23.29 -20.39
CA ASN A 334 1.25 23.90 -19.39
C ASN A 334 1.46 25.40 -19.42
N MET A 335 0.40 26.15 -19.72
CA MET A 335 0.55 27.60 -19.85
C MET A 335 0.91 28.25 -18.53
N GLU A 336 0.20 27.89 -17.45
CA GLU A 336 0.45 28.55 -16.18
C GLU A 336 1.88 28.32 -15.70
N LEU A 337 2.34 27.07 -15.76
CA LEU A 337 3.74 26.81 -15.44
C LEU A 337 4.67 27.59 -16.35
N TYR A 338 4.30 27.76 -17.63
CA TYR A 338 5.13 28.56 -18.53
C TYR A 338 5.20 30.01 -18.07
N LYS A 339 4.04 30.67 -17.99
CA LYS A 339 4.05 32.08 -17.59
C LYS A 339 4.57 32.26 -16.17
N LEU A 340 4.38 31.25 -15.31
CA LEU A 340 4.88 31.35 -13.93
C LEU A 340 6.37 31.07 -13.81
N SER A 341 7.01 30.56 -14.87
CA SER A 341 8.45 30.34 -14.89
C SER A 341 9.18 31.42 -15.68
N GLY A 342 8.58 32.59 -15.85
CA GLY A 342 9.16 33.64 -16.65
C GLY A 342 9.03 33.42 -18.14
N ARG A 343 8.01 32.66 -18.57
CA ARG A 343 7.83 32.34 -19.98
C ARG A 343 9.02 31.57 -20.53
N LYS A 344 9.58 30.67 -19.71
CA LYS A 344 10.76 29.90 -20.06
C LYS A 344 10.49 28.41 -20.18
N SER A 345 9.89 27.79 -19.18
CA SER A 345 9.56 26.37 -19.24
C SER A 345 8.15 26.15 -18.73
N GLY A 346 7.35 25.45 -19.53
CA GLY A 346 5.97 25.18 -19.16
C GLY A 346 5.53 23.76 -19.44
N GLY A 347 6.48 22.91 -19.82
CA GLY A 347 6.19 21.52 -20.15
C GLY A 347 6.53 20.60 -18.99
N VAL A 348 5.62 19.65 -18.73
CA VAL A 348 5.80 18.64 -17.70
C VAL A 348 5.87 17.27 -18.36
N CYS A 349 6.56 16.34 -17.71
CA CYS A 349 6.75 15.00 -18.25
C CYS A 349 5.60 14.08 -17.82
N LEU A 350 5.44 12.98 -18.55
CA LEU A 350 4.31 12.09 -18.36
C LEU A 350 4.76 10.63 -18.26
N ASN A 351 4.20 9.92 -17.29
CA ASN A 351 4.44 8.49 -17.14
C ASN A 351 5.93 8.20 -17.00
N CYS A 352 6.57 8.91 -16.07
CA CYS A 352 7.99 8.72 -15.81
C CYS A 352 8.31 7.24 -15.63
N ARG A 353 9.22 6.74 -16.46
CA ARG A 353 9.71 5.36 -16.34
C ARG A 353 10.99 5.33 -15.51
N HIS A 354 11.46 4.12 -15.22
CA HIS A 354 12.67 3.91 -14.44
C HIS A 354 12.44 4.22 -12.96
N ASN A 355 11.23 3.98 -12.46
CA ASN A 355 10.92 4.15 -11.04
C ASN A 355 11.15 5.59 -10.60
N THR A 356 10.67 6.54 -11.39
CA THR A 356 10.78 7.95 -11.04
C THR A 356 9.41 8.61 -11.17
N ALA A 357 9.39 9.93 -10.93
CA ALA A 357 8.15 10.69 -10.97
C ALA A 357 8.48 12.15 -10.67
N GLY A 358 7.49 13.00 -10.88
CA GLY A 358 7.64 14.44 -10.71
C GLY A 358 7.60 15.16 -12.04
N ARG A 359 7.54 16.49 -11.93
CA ARG A 359 7.47 17.34 -13.12
C ARG A 359 8.48 16.89 -14.17
N HIS A 360 9.74 16.71 -13.77
CA HIS A 360 10.81 16.35 -14.69
C HIS A 360 11.39 14.98 -14.38
N CYS A 361 10.64 14.12 -13.72
CA CYS A 361 11.17 12.79 -13.43
C CYS A 361 12.45 12.94 -12.61
N HIS A 362 12.46 13.92 -11.71
CA HIS A 362 13.67 14.34 -11.01
C HIS A 362 13.81 13.70 -9.64
N TYR A 363 12.77 13.08 -9.12
CA TYR A 363 12.85 12.38 -7.84
C TYR A 363 12.29 10.98 -7.99
N CYS A 364 12.78 10.09 -7.13
CA CYS A 364 12.32 8.71 -7.13
C CYS A 364 10.95 8.60 -6.46
N LYS A 365 10.12 7.70 -6.97
CA LYS A 365 8.78 7.55 -6.42
C LYS A 365 8.82 6.72 -5.14
N GLU A 366 7.75 6.84 -4.35
CA GLU A 366 7.66 6.14 -3.08
C GLU A 366 8.08 4.68 -3.24
N GLY A 367 8.76 4.16 -2.23
CA GLY A 367 9.30 2.83 -2.29
C GLY A 367 10.72 2.75 -2.84
N PHE A 368 11.27 3.87 -3.29
CA PHE A 368 12.65 3.94 -3.78
C PHE A 368 13.35 5.16 -3.21
N TYR A 369 14.65 5.22 -3.41
CA TYR A 369 15.45 6.34 -2.93
C TYR A 369 16.46 6.72 -4.00
N ARG A 370 17.01 7.93 -3.86
CA ARG A 370 17.93 8.51 -4.83
C ARG A 370 19.32 7.90 -4.63
N ASP A 371 19.77 7.11 -5.61
CA ASP A 371 21.13 6.56 -5.60
C ASP A 371 22.09 7.67 -6.03
N LEU A 372 22.51 8.49 -5.05
CA LEU A 372 23.34 9.64 -5.38
C LEU A 372 24.65 9.23 -6.07
N SER A 373 25.14 8.02 -5.81
CA SER A 373 26.36 7.56 -6.44
C SER A 373 26.29 7.65 -7.97
N LYS A 374 25.11 7.46 -8.53
CA LYS A 374 24.88 7.55 -9.96
C LYS A 374 24.17 8.84 -10.31
N PRO A 375 24.44 9.39 -11.49
CA PRO A 375 23.81 10.66 -11.88
C PRO A 375 22.29 10.54 -12.04
N ILE A 376 21.62 11.68 -11.87
CA ILE A 376 20.15 11.68 -11.95
C ILE A 376 19.69 11.29 -13.34
N SER A 377 20.52 11.53 -14.36
CA SER A 377 20.14 11.13 -15.71
C SER A 377 20.21 9.62 -15.89
N HIS A 378 21.01 8.93 -15.08
CA HIS A 378 21.15 7.50 -15.21
C HIS A 378 19.83 6.79 -14.89
N ARG A 379 19.66 5.60 -15.45
CA ARG A 379 18.41 4.86 -15.24
C ARG A 379 18.39 4.14 -13.89
N LYS A 380 19.55 3.81 -13.34
CA LYS A 380 19.64 3.20 -12.02
C LYS A 380 19.80 4.24 -10.91
N ALA A 381 19.38 5.48 -11.15
CA ALA A 381 19.45 6.55 -10.16
C ALA A 381 18.39 6.40 -9.09
N CYS A 382 17.67 5.28 -9.08
CA CYS A 382 16.63 5.02 -8.08
C CYS A 382 16.74 3.56 -7.68
N LYS A 383 17.58 3.29 -6.69
CA LYS A 383 17.64 1.97 -6.10
C LYS A 383 16.39 1.77 -5.24
N GLU A 384 15.90 0.52 -5.19
CA GLU A 384 14.74 0.27 -4.34
C GLU A 384 15.13 0.40 -2.87
N CYS A 385 14.14 0.25 -1.98
CA CYS A 385 14.38 0.49 -0.55
C CYS A 385 15.29 -0.58 0.05
N ASP A 386 14.90 -1.85 -0.05
CA ASP A 386 15.67 -2.94 0.54
C ASP A 386 15.90 -2.68 2.03
N CYS A 387 14.80 -2.61 2.78
CA CYS A 387 14.87 -2.54 4.22
C CYS A 387 15.08 -3.94 4.80
N HIS A 388 15.26 -4.02 6.13
CA HIS A 388 15.51 -5.33 6.74
C HIS A 388 14.21 -5.94 7.24
N PRO A 389 13.89 -7.17 6.84
CA PRO A 389 12.60 -7.76 7.23
C PRO A 389 12.39 -7.83 8.73
N VAL A 390 13.46 -7.88 9.52
CA VAL A 390 13.35 -8.03 10.96
C VAL A 390 13.65 -6.72 11.68
N GLY A 391 14.74 -6.06 11.31
CA GLY A 391 15.15 -4.84 11.99
C GLY A 391 14.46 -3.58 11.55
N ALA A 392 13.69 -3.61 10.47
CA ALA A 392 13.00 -2.44 9.97
C ALA A 392 11.56 -2.44 10.44
N ALA A 393 11.07 -1.26 10.83
CA ALA A 393 9.69 -1.12 11.28
C ALA A 393 8.74 -0.88 10.11
N GLY A 394 9.25 -0.35 8.99
CA GLY A 394 8.46 -0.21 7.79
C GLY A 394 9.29 -0.61 6.59
N GLN A 395 8.61 -0.75 5.46
CA GLN A 395 9.27 -1.15 4.21
C GLN A 395 9.30 -0.04 3.18
N THR A 396 9.15 1.21 3.60
CA THR A 396 9.16 2.36 2.71
C THR A 396 10.24 3.32 3.20
N CYS A 397 11.38 3.33 2.51
CA CYS A 397 12.52 4.15 2.89
C CYS A 397 12.32 5.61 2.49
N ASN A 398 13.24 6.46 2.94
CA ASN A 398 13.22 7.88 2.59
C ASN A 398 13.62 8.06 1.13
N GLN A 399 12.73 8.65 0.34
CA GLN A 399 13.04 8.91 -1.06
C GLN A 399 14.26 9.79 -1.23
N THR A 400 14.57 10.62 -0.23
CA THR A 400 15.72 11.51 -0.32
C THR A 400 17.01 10.75 -0.01
N THR A 401 17.10 10.16 1.19
CA THR A 401 18.31 9.52 1.68
C THR A 401 18.31 8.00 1.62
N GLY A 402 17.15 7.36 1.48
CA GLY A 402 17.10 5.92 1.54
C GLY A 402 17.18 5.36 2.92
N GLN A 403 16.93 6.19 3.93
CA GLN A 403 16.94 5.77 5.33
C GLN A 403 15.69 4.96 5.66
N CYS A 404 15.87 3.67 6.00
CA CYS A 404 14.71 2.88 6.39
C CYS A 404 14.32 3.19 7.83
N PRO A 405 13.03 3.16 8.16
CA PRO A 405 12.61 3.42 9.55
C PRO A 405 13.01 2.28 10.48
N CYS A 406 14.04 2.50 11.29
CA CYS A 406 14.55 1.46 12.20
C CYS A 406 13.80 1.47 13.52
N LYS A 407 13.77 0.31 14.16
CA LYS A 407 12.97 0.07 15.36
C LYS A 407 13.88 0.06 16.57
N ASP A 408 13.62 0.98 17.51
CA ASP A 408 14.27 0.99 18.83
C ASP A 408 15.79 0.85 18.77
N GLY A 409 16.30 -0.30 19.22
CA GLY A 409 17.73 -0.54 19.27
C GLY A 409 18.43 -0.56 17.93
N VAL A 410 17.69 -0.70 16.83
CA VAL A 410 18.31 -0.85 15.52
C VAL A 410 18.65 0.52 14.93
N THR A 411 19.74 0.56 14.17
CA THR A 411 20.19 1.79 13.54
C THR A 411 20.76 1.46 12.17
N GLY A 412 21.16 2.49 11.45
CA GLY A 412 21.74 2.37 10.14
C GLY A 412 20.84 3.00 9.08
N ILE A 413 21.12 2.64 7.83
CA ILE A 413 20.27 3.05 6.73
C ILE A 413 19.36 1.92 6.25
N THR A 414 19.76 0.66 6.41
CA THR A 414 18.96 -0.52 6.10
C THR A 414 18.44 -1.21 7.35
N CYS A 415 18.78 -0.70 8.54
CA CYS A 415 18.41 -1.30 9.81
C CYS A 415 18.86 -2.77 9.86
N ASN A 416 20.18 -2.96 9.96
CA ASN A 416 20.74 -4.30 10.07
C ASN A 416 21.78 -4.40 11.16
N ARG A 417 21.66 -3.56 12.19
CA ARG A 417 22.62 -3.58 13.29
C ARG A 417 22.03 -2.83 14.47
N CYS A 418 22.48 -3.21 15.66
CA CYS A 418 22.07 -2.56 16.90
C CYS A 418 22.96 -1.36 17.19
N ALA A 419 22.43 -0.43 17.98
CA ALA A 419 23.13 0.80 18.32
C ALA A 419 23.81 0.67 19.68
N LYS A 420 24.46 1.76 20.12
CA LYS A 420 25.20 1.76 21.37
C LYS A 420 24.28 1.48 22.55
N GLY A 421 24.74 0.63 23.46
CA GLY A 421 23.95 0.20 24.60
C GLY A 421 22.90 -0.85 24.31
N TYR A 422 22.86 -1.39 23.08
CA TYR A 422 21.88 -2.38 22.68
C TYR A 422 22.57 -3.64 22.15
N GLN A 423 22.01 -4.79 22.50
CA GLN A 423 22.61 -6.09 22.21
C GLN A 423 21.74 -6.85 21.22
N GLN A 424 22.39 -7.61 20.33
CA GLN A 424 21.65 -8.36 19.31
C GLN A 424 20.93 -9.56 19.92
N SER A 425 19.90 -10.02 19.20
CA SER A 425 19.02 -11.07 19.67
C SER A 425 18.63 -11.98 18.50
N ARG A 426 18.00 -13.10 18.84
CA ARG A 426 17.43 -14.01 17.85
C ARG A 426 15.93 -13.82 17.69
N SER A 427 15.35 -12.81 18.31
CA SER A 427 13.92 -12.61 18.15
C SER A 427 13.65 -11.85 16.87
N PRO A 428 12.69 -12.30 16.06
CA PRO A 428 12.28 -11.50 14.90
C PRO A 428 11.57 -10.22 15.29
N ILE A 429 10.99 -10.17 16.50
CA ILE A 429 10.19 -9.02 16.90
C ILE A 429 11.04 -7.98 17.62
N ALA A 430 11.85 -8.39 18.61
CA ALA A 430 12.77 -7.49 19.30
C ALA A 430 14.19 -7.96 19.07
N PRO A 431 14.84 -7.48 18.00
CA PRO A 431 16.18 -7.99 17.66
C PRO A 431 17.28 -7.38 18.52
N CYS A 432 17.10 -6.14 18.96
CA CYS A 432 18.05 -5.48 19.84
C CYS A 432 17.40 -5.13 21.17
N ILE A 433 18.21 -5.13 22.23
CA ILE A 433 17.71 -4.86 23.58
C ILE A 433 18.78 -4.14 24.37
N LYS A 434 18.35 -3.15 25.16
CA LYS A 434 19.28 -2.33 25.91
C LYS A 434 19.98 -3.18 26.97
N ILE A 435 20.85 -2.53 27.72
CA ILE A 435 21.78 -3.23 28.62
C ILE A 435 22.22 -2.28 29.73
N PRO A 436 21.79 -2.53 30.98
CA PRO A 436 22.10 -1.74 32.18
C PRO A 436 23.30 -2.26 32.98
N PRO B 19 -5.57 -7.89 55.60
CA PRO B 19 -6.57 -8.95 55.78
C PRO B 19 -6.14 -10.27 55.15
N ASP B 20 -5.56 -10.20 53.94
CA ASP B 20 -5.05 -11.38 53.23
C ASP B 20 -3.56 -11.54 53.52
N PRO B 21 -3.12 -12.73 53.94
CA PRO B 21 -1.70 -12.92 54.28
C PRO B 21 -0.79 -13.03 53.09
N CYS B 22 -1.33 -13.16 51.88
CA CYS B 22 -0.52 -13.23 50.68
C CYS B 22 0.04 -11.88 50.26
N TYR B 23 -0.46 -10.78 50.84
CA TYR B 23 -0.03 -9.43 50.54
C TYR B 23 0.16 -8.69 51.85
N ASP B 24 1.28 -7.97 51.97
CA ASP B 24 1.56 -7.23 53.19
C ASP B 24 0.72 -5.96 53.29
N GLU B 25 1.14 -5.02 54.14
CA GLU B 25 0.39 -3.78 54.33
C GLU B 25 0.36 -2.98 53.04
N HIS B 26 1.52 -2.76 52.43
CA HIS B 26 1.65 -2.03 51.18
C HIS B 26 1.07 -2.78 49.99
N GLY B 27 0.36 -3.88 50.20
CA GLY B 27 -0.15 -4.67 49.10
C GLY B 27 0.89 -5.46 48.34
N LEU B 28 2.15 -5.38 48.74
CA LEU B 28 3.20 -6.18 48.08
C LEU B 28 2.99 -7.66 48.32
N PRO B 29 3.12 -8.51 47.30
CA PRO B 29 2.85 -9.94 47.48
C PRO B 29 3.98 -10.63 48.21
N ARG B 30 3.64 -11.29 49.32
CA ARG B 30 4.57 -12.10 50.09
C ARG B 30 4.10 -13.55 50.10
N ARG B 31 5.05 -14.48 50.16
CA ARG B 31 4.72 -15.89 50.07
C ARG B 31 3.69 -16.27 51.13
N CYS B 32 2.74 -17.11 50.74
CA CYS B 32 1.68 -17.56 51.65
C CYS B 32 1.47 -19.07 51.51
N ILE B 33 0.95 -19.66 52.59
CA ILE B 33 0.78 -21.12 52.73
C ILE B 33 -0.51 -21.50 53.43
N PRO B 34 -1.16 -22.57 52.99
CA PRO B 34 -2.33 -23.09 53.70
C PRO B 34 -1.93 -23.68 55.05
N ASP B 35 -2.91 -23.71 55.95
CA ASP B 35 -2.70 -24.28 57.27
C ASP B 35 -2.27 -25.74 57.16
N PHE B 36 -1.64 -26.23 58.24
CA PHE B 36 -1.21 -27.62 58.34
C PHE B 36 -2.34 -28.46 58.93
N VAL B 37 -2.83 -29.42 58.16
CA VAL B 37 -4.01 -30.18 58.57
C VAL B 37 -3.74 -31.68 58.43
N ASN B 38 -4.62 -32.47 59.04
CA ASN B 38 -4.62 -33.92 58.88
C ASN B 38 -5.51 -34.27 57.69
N SER B 39 -4.90 -34.43 56.52
CA SER B 39 -5.68 -34.69 55.31
C SER B 39 -6.50 -35.97 55.38
N ALA B 40 -6.30 -36.81 56.40
CA ALA B 40 -7.03 -38.06 56.52
C ALA B 40 -8.36 -37.92 57.25
N PHE B 41 -8.45 -36.99 58.21
CA PHE B 41 -9.65 -36.86 59.00
C PHE B 41 -10.89 -36.72 58.11
N GLY B 42 -11.86 -37.60 58.33
CA GLY B 42 -13.07 -37.60 57.55
C GLY B 42 -13.01 -38.44 56.30
N LYS B 43 -11.95 -38.27 55.51
CA LYS B 43 -11.79 -39.01 54.27
C LYS B 43 -11.92 -40.51 54.54
N GLU B 44 -12.53 -41.22 53.59
CA GLU B 44 -12.72 -42.65 53.72
C GLU B 44 -11.50 -43.41 53.21
N VAL B 45 -11.14 -44.46 53.93
CA VAL B 45 -10.01 -45.30 53.58
C VAL B 45 -10.52 -46.55 52.88
N LYS B 46 -9.77 -47.00 51.88
CA LYS B 46 -10.12 -48.20 51.13
C LYS B 46 -9.34 -49.36 51.73
N VAL B 47 -10.06 -50.36 52.22
CA VAL B 47 -9.46 -51.51 52.88
C VAL B 47 -9.62 -52.72 51.98
N SER B 48 -9.01 -53.82 52.39
CA SER B 48 -9.05 -55.06 51.63
C SER B 48 -9.53 -56.18 52.52
N SER B 49 -9.30 -56.04 53.82
CA SER B 49 -9.67 -57.03 54.83
C SER B 49 -10.36 -56.34 55.99
N THR B 50 -11.61 -56.73 56.25
CA THR B 50 -12.38 -56.18 57.37
C THR B 50 -13.20 -57.31 57.99
N CYS B 51 -12.94 -57.62 59.26
CA CYS B 51 -13.70 -58.67 59.91
C CYS B 51 -15.18 -58.29 59.99
N GLY B 52 -16.04 -59.26 59.74
CA GLY B 52 -17.46 -58.99 59.62
C GLY B 52 -18.09 -59.79 58.49
N LYS B 53 -17.50 -59.71 57.30
CA LYS B 53 -17.90 -60.61 56.23
C LYS B 53 -17.98 -62.03 56.78
N PRO B 54 -18.94 -62.83 56.35
CA PRO B 54 -19.39 -63.96 57.17
C PRO B 54 -18.92 -63.85 58.60
N PRO B 55 -19.68 -63.16 59.46
CA PRO B 55 -19.19 -62.79 60.80
C PRO B 55 -18.43 -63.89 61.52
N SER B 56 -17.19 -63.57 61.93
CA SER B 56 -16.37 -64.54 62.64
C SER B 56 -16.05 -64.01 64.03
N ARG B 57 -14.79 -64.10 64.43
CA ARG B 57 -14.36 -63.67 65.75
C ARG B 57 -12.85 -63.57 65.76
N TYR B 58 -12.32 -62.89 66.78
CA TYR B 58 -10.89 -62.71 66.94
C TYR B 58 -10.52 -63.06 68.39
N CYS B 59 -9.35 -62.59 68.82
CA CYS B 59 -8.92 -62.77 70.20
C CYS B 59 -7.73 -61.88 70.49
N VAL B 60 -7.94 -60.85 71.31
CA VAL B 60 -6.86 -59.99 71.77
C VAL B 60 -6.22 -60.63 73.00
N VAL B 61 -4.93 -60.36 73.18
CA VAL B 61 -4.16 -60.93 74.28
C VAL B 61 -3.53 -59.80 75.07
N THR B 62 -3.61 -59.89 76.40
CA THR B 62 -3.03 -58.93 77.31
C THR B 62 -1.84 -59.58 78.02
N GLU B 63 -1.51 -59.10 79.22
CA GLU B 63 -0.41 -59.65 79.99
C GLU B 63 -0.69 -59.41 81.47
N LYS B 64 -0.11 -60.27 82.31
CA LYS B 64 -0.23 -60.13 83.76
C LYS B 64 1.14 -60.10 84.44
N GLY B 65 2.21 -59.84 83.66
CA GLY B 65 3.55 -59.83 84.20
C GLY B 65 4.37 -61.02 83.74
N GLU B 66 3.80 -62.22 83.85
CA GLU B 66 4.48 -63.44 83.45
C GLU B 66 3.60 -64.26 82.51
N GLU B 67 2.37 -64.53 82.93
CA GLU B 67 1.43 -65.31 82.13
C GLU B 67 0.82 -64.43 81.04
N GLN B 68 0.50 -65.07 79.92
CA GLN B 68 -0.11 -64.39 78.78
C GLN B 68 -1.61 -64.65 78.80
N VAL B 69 -2.31 -63.87 79.61
CA VAL B 69 -3.76 -63.99 79.71
C VAL B 69 -4.41 -63.40 78.47
N ARG B 70 -5.24 -64.18 77.81
CA ARG B 70 -5.89 -63.79 76.57
C ARG B 70 -7.41 -63.79 76.75
N SER B 71 -8.10 -63.48 75.65
CA SER B 71 -9.56 -63.44 75.62
C SER B 71 -10.02 -63.80 74.21
N CYS B 72 -11.32 -63.63 73.96
CA CYS B 72 -11.87 -63.94 72.64
C CYS B 72 -13.24 -63.26 72.54
N HIS B 73 -13.42 -62.43 71.51
CA HIS B 73 -14.65 -61.67 71.31
C HIS B 73 -15.15 -61.85 69.88
N LEU B 74 -16.39 -61.43 69.66
CA LEU B 74 -17.05 -61.57 68.36
C LEU B 74 -17.01 -60.25 67.60
N CYS B 75 -16.91 -60.37 66.27
CA CYS B 75 -16.96 -59.21 65.37
C CYS B 75 -18.10 -59.42 64.37
N ASN B 76 -19.12 -58.58 64.47
CA ASN B 76 -20.34 -58.71 63.67
C ASN B 76 -20.34 -57.67 62.55
N ALA B 77 -21.08 -57.98 61.48
CA ALA B 77 -21.16 -57.13 60.31
C ALA B 77 -22.39 -56.23 60.33
N SER B 78 -22.97 -55.98 61.51
CA SER B 78 -24.17 -55.17 61.60
C SER B 78 -24.31 -54.52 62.98
N ASP B 79 -24.00 -55.26 64.02
CA ASP B 79 -24.15 -54.77 65.40
C ASP B 79 -23.27 -53.53 65.58
N PRO B 80 -23.85 -52.37 65.88
CA PRO B 80 -23.01 -51.17 66.07
C PRO B 80 -21.96 -51.34 67.15
N LYS B 81 -22.30 -51.97 68.26
CA LYS B 81 -21.37 -52.18 69.37
C LYS B 81 -20.34 -53.27 69.11
N ARG B 82 -20.31 -53.86 67.90
CA ARG B 82 -19.36 -54.94 67.58
C ARG B 82 -19.24 -55.01 66.06
N ALA B 83 -18.49 -54.07 65.48
CA ALA B 83 -18.30 -54.06 64.02
C ALA B 83 -17.27 -53.03 63.53
N HIS B 84 -16.04 -53.10 64.06
CA HIS B 84 -14.81 -52.43 63.64
C HIS B 84 -14.73 -52.09 62.14
N PRO B 85 -15.26 -50.95 61.70
CA PRO B 85 -15.27 -50.63 60.27
C PRO B 85 -14.06 -49.80 59.87
N PRO B 86 -13.89 -49.53 58.57
CA PRO B 86 -12.80 -48.63 58.15
C PRO B 86 -13.05 -47.19 58.56
N SER B 87 -14.31 -46.81 58.77
CA SER B 87 -14.62 -45.45 59.16
C SER B 87 -13.91 -45.07 60.45
N PHE B 88 -13.62 -46.04 61.31
CA PHE B 88 -12.98 -45.80 62.59
C PHE B 88 -11.54 -45.35 62.45
N LEU B 89 -11.05 -45.20 61.23
CA LEU B 89 -9.69 -44.75 60.98
C LEU B 89 -9.57 -43.25 60.88
N THR B 90 -10.61 -42.57 60.41
CA THR B 90 -10.54 -41.14 60.13
C THR B 90 -11.60 -40.35 60.88
N ASP B 91 -12.23 -40.94 61.89
CA ASP B 91 -13.25 -40.24 62.65
C ASP B 91 -12.63 -39.59 63.89
N LEU B 92 -13.45 -38.77 64.56
CA LEU B 92 -13.06 -38.17 65.83
C LEU B 92 -12.49 -39.22 66.75
N ASN B 93 -11.17 -39.18 66.98
CA ASN B 93 -10.48 -40.18 67.77
C ASN B 93 -10.22 -39.63 69.17
N ASN B 94 -10.38 -40.50 70.17
CA ASN B 94 -10.22 -40.16 71.58
C ASN B 94 -9.55 -41.31 72.33
N PRO B 95 -8.55 -41.02 73.18
CA PRO B 95 -7.88 -42.08 73.97
C PRO B 95 -8.84 -42.90 74.81
N HIS B 96 -10.08 -42.45 74.91
CA HIS B 96 -11.11 -43.17 75.63
C HIS B 96 -12.22 -43.53 74.66
N ASN B 97 -12.54 -44.82 74.63
CA ASN B 97 -13.70 -45.34 73.91
C ASN B 97 -13.19 -45.39 72.47
N LEU B 98 -12.00 -46.01 72.32
CA LEU B 98 -11.20 -45.88 71.11
C LEU B 98 -11.86 -46.63 69.96
N THR B 99 -11.96 -46.01 68.80
CA THR B 99 -12.59 -46.62 67.64
C THR B 99 -11.51 -47.19 66.72
N CYS B 100 -11.48 -48.53 66.64
CA CYS B 100 -10.42 -49.30 66.00
C CYS B 100 -10.97 -49.99 64.75
N TRP B 101 -10.20 -49.94 63.67
CA TRP B 101 -10.39 -50.85 62.55
C TRP B 101 -9.72 -52.21 62.79
N GLN B 102 -10.28 -53.25 62.18
CA GLN B 102 -9.72 -54.59 62.30
C GLN B 102 -9.88 -55.36 60.99
N SER B 103 -8.94 -56.25 60.73
CA SER B 103 -8.92 -57.08 59.53
C SER B 103 -9.34 -58.50 59.87
N ASP B 104 -9.61 -59.28 58.83
CA ASP B 104 -9.92 -60.68 59.02
C ASP B 104 -8.72 -61.39 59.67
N SER B 105 -9.03 -62.30 60.60
CA SER B 105 -8.01 -62.98 61.37
C SER B 105 -7.13 -63.86 60.48
N TYR B 106 -5.84 -63.90 60.80
CA TYR B 106 -4.90 -64.78 60.12
C TYR B 106 -4.61 -64.34 58.69
N VAL B 107 -3.79 -63.30 58.55
CA VAL B 107 -3.45 -62.77 57.23
C VAL B 107 -1.95 -62.49 57.21
N GLN B 108 -1.17 -63.54 57.52
CA GLN B 108 0.29 -63.53 57.64
C GLN B 108 0.94 -63.69 56.26
N TYR B 109 2.26 -63.59 56.21
CA TYR B 109 2.98 -63.69 54.94
C TYR B 109 2.56 -64.97 54.21
N PRO B 110 2.41 -64.93 52.87
CA PRO B 110 2.69 -63.77 52.02
C PRO B 110 1.49 -62.88 51.70
N HIS B 111 0.42 -62.97 52.49
CA HIS B 111 -0.80 -62.23 52.23
C HIS B 111 -0.70 -60.79 52.75
N ASN B 112 -1.47 -59.89 52.13
CA ASN B 112 -1.39 -58.45 52.36
C ASN B 112 -2.72 -57.86 52.79
N VAL B 113 -2.61 -56.78 53.56
CA VAL B 113 -3.75 -55.97 53.99
C VAL B 113 -3.41 -54.53 53.66
N THR B 114 -4.08 -53.97 52.67
CA THR B 114 -3.78 -52.63 52.19
C THR B 114 -4.86 -51.64 52.60
N LEU B 115 -4.44 -50.39 52.74
CA LEU B 115 -5.31 -49.28 53.12
C LEU B 115 -4.93 -48.12 52.22
N THR B 116 -5.77 -47.81 51.23
CA THR B 116 -5.48 -46.66 50.38
C THR B 116 -6.27 -45.46 50.85
N LEU B 117 -5.68 -44.27 50.70
CA LEU B 117 -6.33 -43.02 51.01
C LEU B 117 -6.10 -42.04 49.87
N SER B 118 -7.18 -41.65 49.20
CA SER B 118 -7.12 -40.64 48.15
C SER B 118 -7.47 -39.29 48.75
N LEU B 119 -6.52 -38.34 48.68
CA LEU B 119 -6.72 -37.01 49.24
C LEU B 119 -7.44 -36.07 48.30
N GLY B 120 -7.38 -36.33 46.99
CA GLY B 120 -8.02 -35.53 46.00
C GLY B 120 -7.14 -34.45 45.40
N LYS B 121 -6.19 -33.93 46.16
CA LYS B 121 -5.31 -32.91 45.64
C LYS B 121 -3.91 -33.17 46.15
N LYS B 122 -2.95 -32.53 45.51
CA LYS B 122 -1.54 -32.76 45.82
C LYS B 122 -1.26 -32.16 47.20
N PHE B 123 -1.11 -32.98 48.24
CA PHE B 123 -0.47 -32.37 49.40
C PHE B 123 1.03 -32.52 49.39
N GLU B 124 1.63 -31.77 50.32
CA GLU B 124 3.03 -31.89 50.70
C GLU B 124 3.03 -32.68 52.01
N VAL B 125 3.09 -34.00 51.90
CA VAL B 125 3.07 -34.84 53.10
C VAL B 125 4.25 -34.49 54.00
N THR B 126 3.95 -34.29 55.29
CA THR B 126 4.97 -34.09 56.31
C THR B 126 5.21 -35.31 57.17
N TYR B 127 4.15 -36.05 57.50
CA TYR B 127 4.26 -37.27 58.29
C TYR B 127 3.09 -38.18 57.98
N VAL B 128 3.31 -39.48 58.19
CA VAL B 128 2.30 -40.51 58.03
C VAL B 128 2.23 -41.30 59.32
N SER B 129 1.16 -41.12 60.09
CA SER B 129 1.03 -41.67 61.43
C SER B 129 -0.04 -42.76 61.47
N LEU B 130 0.21 -43.76 62.30
CA LEU B 130 -0.73 -44.86 62.52
C LEU B 130 -0.66 -45.27 63.99
N GLN B 131 -1.84 -45.40 64.61
CA GLN B 131 -1.96 -45.89 65.97
C GLN B 131 -2.54 -47.30 65.93
N PHE B 132 -1.93 -48.21 66.68
CA PHE B 132 -2.23 -49.64 66.53
C PHE B 132 -2.89 -50.17 67.80
N CYS B 133 -4.20 -50.44 67.69
CA CYS B 133 -4.89 -51.18 68.75
C CYS B 133 -4.30 -52.57 68.90
N SER B 134 -3.98 -53.22 67.79
CA SER B 134 -3.27 -54.49 67.82
C SER B 134 -1.77 -54.23 67.97
N PRO B 135 -0.99 -55.29 68.10
CA PRO B 135 0.46 -55.13 68.11
C PRO B 135 0.93 -54.60 66.76
N ARG B 136 1.97 -53.77 66.80
CA ARG B 136 2.46 -53.19 65.55
C ARG B 136 2.89 -54.30 64.60
N PRO B 137 2.89 -54.04 63.30
CA PRO B 137 3.27 -55.08 62.33
C PRO B 137 4.78 -55.29 62.33
N GLU B 138 5.18 -56.47 61.89
CA GLU B 138 6.60 -56.77 61.73
C GLU B 138 7.17 -56.13 60.48
N SER B 139 6.38 -56.07 59.41
CA SER B 139 6.82 -55.49 58.15
C SER B 139 5.64 -54.79 57.50
N MET B 140 5.76 -53.48 57.34
CA MET B 140 4.74 -52.67 56.68
C MET B 140 5.44 -51.68 55.77
N ALA B 141 4.70 -51.20 54.76
CA ALA B 141 5.25 -50.29 53.78
C ALA B 141 4.26 -49.16 53.51
N ILE B 142 4.80 -47.95 53.26
CA ILE B 142 4.00 -46.78 52.91
C ILE B 142 4.35 -46.37 51.48
N TYR B 143 3.34 -46.31 50.63
CA TYR B 143 3.48 -45.92 49.24
C TYR B 143 2.73 -44.62 49.01
N LYS B 144 2.95 -44.01 47.85
CA LYS B 144 2.27 -42.77 47.51
C LYS B 144 2.01 -42.73 46.01
N SER B 145 1.20 -41.77 45.62
CA SER B 145 0.96 -41.46 44.23
C SER B 145 1.06 -39.96 44.06
N MET B 146 1.73 -39.53 42.99
CA MET B 146 1.77 -38.12 42.62
C MET B 146 0.86 -37.81 41.45
N ASP B 147 0.36 -38.83 40.78
CA ASP B 147 -0.80 -38.74 39.90
C ASP B 147 -2.04 -38.93 40.73
N TYR B 148 -3.00 -39.81 40.38
CA TYR B 148 -4.21 -39.96 41.15
C TYR B 148 -4.60 -41.43 41.20
N GLY B 149 -3.76 -42.24 41.85
CA GLY B 149 -4.01 -43.67 41.99
C GLY B 149 -3.45 -44.50 40.86
N LYS B 150 -2.92 -43.88 39.81
CA LYS B 150 -2.38 -44.57 38.64
C LYS B 150 -1.02 -45.19 38.94
N THR B 151 -0.03 -44.34 39.19
CA THR B 151 1.33 -44.76 39.54
C THR B 151 1.51 -44.68 41.05
N TRP B 152 2.18 -45.67 41.63
CA TRP B 152 2.44 -45.71 43.06
C TRP B 152 3.93 -45.89 43.31
N VAL B 153 4.53 -45.00 44.09
CA VAL B 153 5.98 -45.08 44.31
C VAL B 153 6.26 -45.42 45.77
N PRO B 154 7.45 -45.95 46.08
CA PRO B 154 7.76 -46.33 47.46
C PRO B 154 8.16 -45.11 48.29
N PHE B 155 7.76 -45.11 49.54
CA PHE B 155 7.87 -43.85 50.27
C PHE B 155 8.46 -44.05 51.66
N GLN B 156 8.17 -45.18 52.31
CA GLN B 156 8.98 -45.68 53.41
C GLN B 156 8.62 -47.13 53.67
N PHE B 157 9.64 -47.94 53.99
CA PHE B 157 9.48 -49.34 54.35
C PHE B 157 9.89 -49.54 55.80
N TYR B 158 9.18 -50.43 56.50
CA TYR B 158 9.51 -50.81 57.87
C TYR B 158 9.51 -52.33 57.90
N SER B 159 10.62 -52.93 58.30
CA SER B 159 10.68 -54.38 58.39
C SER B 159 11.94 -54.79 59.14
N THR B 160 11.88 -56.00 59.71
CA THR B 160 13.06 -56.59 60.35
C THR B 160 14.02 -57.19 59.34
N GLN B 161 13.51 -57.87 58.32
CA GLN B 161 14.33 -58.45 57.25
C GLN B 161 14.10 -57.61 55.99
N CYS B 162 14.80 -56.49 55.90
CA CYS B 162 14.64 -55.60 54.75
C CYS B 162 15.09 -56.29 53.46
N ARG B 163 16.38 -56.64 53.37
CA ARG B 163 16.85 -57.31 52.17
C ARG B 163 15.92 -58.46 51.80
N LYS B 164 15.44 -59.20 52.81
CA LYS B 164 14.73 -60.45 52.54
C LYS B 164 13.38 -60.20 51.90
N MET B 165 12.68 -59.15 52.32
CA MET B 165 11.30 -58.98 51.91
C MET B 165 11.14 -57.85 50.90
N TYR B 166 11.45 -56.61 51.27
CA TYR B 166 11.35 -55.49 50.36
C TYR B 166 12.55 -55.33 49.46
N ASN B 167 13.59 -56.15 49.65
CA ASN B 167 14.84 -56.12 48.86
C ASN B 167 15.49 -54.73 48.95
N LYS B 168 15.24 -54.01 50.08
CA LYS B 168 15.84 -52.71 50.35
C LYS B 168 17.02 -52.85 51.32
N PRO B 169 18.10 -52.12 51.11
CA PRO B 169 19.15 -52.08 52.13
C PRO B 169 18.62 -51.52 53.44
N SER B 170 18.68 -52.33 54.48
CA SER B 170 18.30 -51.86 55.81
C SER B 170 19.26 -50.77 56.28
N ARG B 171 18.71 -49.61 56.62
CA ARG B 171 19.48 -48.51 57.18
C ARG B 171 20.62 -48.09 56.24
N ALA B 172 20.23 -47.61 55.06
CA ALA B 172 21.19 -47.04 54.12
C ALA B 172 21.30 -45.54 54.37
N ALA B 173 22.06 -44.84 53.54
CA ALA B 173 22.31 -43.41 53.70
C ALA B 173 21.65 -42.64 52.57
N ILE B 174 21.07 -41.51 52.91
CA ILE B 174 20.39 -40.67 51.94
C ILE B 174 21.45 -39.75 51.33
N THR B 175 21.80 -40.01 50.09
CA THR B 175 22.73 -39.16 49.37
C THR B 175 22.01 -37.95 48.80
N LYS B 176 22.73 -36.84 48.69
CA LYS B 176 22.14 -35.69 48.01
C LYS B 176 21.81 -36.03 46.55
N GLN B 177 22.48 -37.05 45.99
CA GLN B 177 22.23 -37.50 44.62
C GLN B 177 20.98 -38.36 44.51
N ASN B 178 20.58 -39.04 45.60
CA ASN B 178 19.35 -39.82 45.64
C ASN B 178 18.63 -39.56 46.96
N GLU B 179 18.12 -38.34 47.09
CA GLU B 179 17.32 -37.97 48.27
C GLU B 179 15.89 -38.48 48.17
N GLN B 180 15.45 -38.90 46.99
CA GLN B 180 14.12 -39.46 46.80
C GLN B 180 14.12 -40.97 46.96
N GLU B 181 14.95 -41.46 47.88
CA GLU B 181 15.18 -42.88 48.08
C GLU B 181 14.33 -43.35 49.25
N ALA B 182 13.56 -44.41 49.02
CA ALA B 182 12.88 -45.08 50.12
C ALA B 182 13.92 -45.80 50.99
N ILE B 183 13.72 -45.76 52.30
CA ILE B 183 14.59 -46.44 53.24
C ILE B 183 13.76 -47.42 54.03
N CYS B 184 14.30 -48.63 54.21
CA CYS B 184 13.68 -49.63 55.06
C CYS B 184 14.33 -49.53 56.43
N THR B 185 13.55 -49.76 57.49
CA THR B 185 14.14 -49.73 58.81
C THR B 185 13.40 -50.69 59.74
N ASP B 186 14.13 -51.16 60.73
CA ASP B 186 13.61 -52.03 61.79
C ASP B 186 13.27 -51.28 63.08
N SER B 187 13.31 -49.95 63.06
CA SER B 187 12.75 -49.16 64.15
C SER B 187 11.24 -49.07 63.98
N HIS B 188 10.51 -49.20 65.08
CA HIS B 188 9.06 -49.17 65.10
C HIS B 188 8.48 -50.50 64.64
N THR B 189 9.32 -51.52 64.40
CA THR B 189 8.86 -52.81 63.93
C THR B 189 8.84 -53.85 65.03
N ASP B 190 8.93 -53.43 66.30
CA ASP B 190 8.88 -54.35 67.41
C ASP B 190 7.44 -54.65 67.82
N VAL B 191 7.26 -55.74 68.56
CA VAL B 191 5.95 -56.11 69.10
C VAL B 191 5.68 -55.47 70.46
N ARG B 192 6.65 -54.73 71.00
CA ARG B 192 6.61 -54.08 72.30
C ARG B 192 5.19 -53.72 72.73
N PRO B 193 4.55 -52.74 72.10
CA PRO B 193 3.22 -52.32 72.57
C PRO B 193 2.11 -53.10 71.90
N LEU B 194 1.51 -54.05 72.62
CA LEU B 194 0.38 -54.75 72.06
C LEU B 194 -0.81 -53.82 71.85
N SER B 195 -0.85 -52.73 72.61
CA SER B 195 -1.88 -51.71 72.51
C SER B 195 -1.21 -50.36 72.41
N GLY B 196 -1.60 -49.58 71.40
CA GLY B 196 -1.10 -48.23 71.27
C GLY B 196 0.22 -48.07 70.55
N GLY B 197 0.62 -49.05 69.74
CA GLY B 197 1.82 -48.86 68.95
C GLY B 197 1.70 -47.66 68.04
N LEU B 198 2.70 -46.77 68.08
CA LEU B 198 2.79 -45.66 67.14
C LEU B 198 3.84 -45.96 66.09
N ILE B 199 3.46 -45.76 64.84
CA ILE B 199 4.37 -45.76 63.69
C ILE B 199 4.15 -44.46 62.94
N ALA B 200 5.21 -43.69 62.79
CA ALA B 200 5.15 -42.39 62.13
C ALA B 200 6.35 -42.27 61.20
N PHE B 201 6.08 -41.85 59.97
CA PHE B 201 7.10 -41.67 58.95
C PHE B 201 7.24 -40.16 58.71
N SER B 202 8.39 -39.61 59.03
CA SER B 202 8.68 -38.20 58.74
C SER B 202 9.23 -38.11 57.33
N THR B 203 8.49 -37.44 56.44
CA THR B 203 8.91 -37.42 55.04
C THR B 203 10.32 -36.89 54.88
N LEU B 204 10.77 -36.01 55.78
CA LEU B 204 12.08 -35.41 55.64
C LEU B 204 13.12 -35.87 56.66
N ASP B 205 12.84 -36.90 57.47
CA ASP B 205 13.91 -37.51 58.26
C ASP B 205 14.97 -38.14 57.39
N GLY B 206 16.24 -37.95 57.81
CA GLY B 206 17.38 -38.50 57.14
C GLY B 206 17.75 -37.81 55.85
N ARG B 207 16.93 -36.85 55.38
CA ARG B 207 16.98 -36.17 54.11
C ARG B 207 17.98 -35.02 54.24
N PRO B 208 19.11 -35.06 53.52
CA PRO B 208 20.19 -34.08 53.72
C PRO B 208 19.77 -32.62 53.66
N THR B 209 19.19 -32.20 52.53
CA THR B 209 18.86 -30.79 52.35
C THR B 209 17.51 -30.44 52.99
N ALA B 210 17.22 -31.03 54.15
CA ALA B 210 15.95 -30.74 54.79
C ALA B 210 15.93 -29.32 55.36
N HIS B 211 17.08 -28.85 55.85
CA HIS B 211 17.14 -27.48 56.36
C HIS B 211 16.92 -26.45 55.26
N ASP B 212 17.00 -26.85 53.99
CA ASP B 212 16.79 -25.97 52.85
C ASP B 212 15.63 -26.46 51.98
N PHE B 213 14.58 -26.98 52.62
CA PHE B 213 13.39 -27.38 51.87
C PHE B 213 12.91 -26.28 50.95
N ASP B 214 12.88 -25.04 51.44
CA ASP B 214 12.33 -23.97 50.65
C ASP B 214 13.17 -23.69 49.40
N ASN B 215 14.40 -24.20 49.34
CA ASN B 215 15.22 -24.13 48.13
C ASN B 215 15.69 -25.52 47.67
N SER B 216 14.90 -26.56 47.90
CA SER B 216 15.29 -27.93 47.52
C SER B 216 14.19 -28.56 46.67
N PRO B 217 14.23 -28.39 45.35
CA PRO B 217 13.14 -28.90 44.51
C PRO B 217 12.96 -30.41 44.60
N VAL B 218 14.04 -31.19 44.68
CA VAL B 218 13.90 -32.64 44.85
C VAL B 218 13.00 -32.95 46.04
N LEU B 219 13.30 -32.35 47.20
CA LEU B 219 12.53 -32.66 48.40
C LEU B 219 11.09 -32.19 48.28
N GLN B 220 10.87 -31.08 47.56
CA GLN B 220 9.52 -30.59 47.34
C GLN B 220 8.72 -31.58 46.49
N ASP B 221 9.37 -32.22 45.53
CA ASP B 221 8.70 -33.26 44.76
C ASP B 221 8.45 -34.50 45.61
N TRP B 222 9.43 -34.87 46.44
CA TRP B 222 9.31 -36.04 47.30
C TRP B 222 8.06 -35.95 48.18
N VAL B 223 7.92 -34.86 48.94
CA VAL B 223 6.79 -34.73 49.87
C VAL B 223 5.46 -34.56 49.15
N THR B 224 5.46 -34.24 47.86
CA THR B 224 4.20 -34.05 47.16
C THR B 224 3.55 -35.41 46.91
N ALA B 225 2.29 -35.54 47.27
CA ALA B 225 1.60 -36.80 47.05
C ALA B 225 0.11 -36.54 47.04
N THR B 226 -0.57 -37.22 46.10
CA THR B 226 -2.03 -37.17 46.04
C THR B 226 -2.72 -38.35 46.68
N ASP B 227 -2.13 -39.54 46.76
CA ASP B 227 -2.87 -40.51 47.53
C ASP B 227 -1.83 -41.22 48.36
N ILE B 228 -2.28 -42.11 49.27
CA ILE B 228 -1.36 -42.82 50.16
C ILE B 228 -1.86 -44.25 50.40
N LYS B 229 -0.95 -45.21 50.26
CA LYS B 229 -1.25 -46.63 50.45
C LYS B 229 -0.37 -47.19 51.55
N VAL B 230 -0.99 -47.77 52.57
CA VAL B 230 -0.28 -48.47 53.64
C VAL B 230 -0.52 -49.96 53.49
N THR B 231 0.55 -50.72 53.26
CA THR B 231 0.44 -52.16 53.07
C THR B 231 1.07 -52.86 54.27
N PHE B 232 0.24 -53.64 54.97
CA PHE B 232 0.71 -54.49 56.07
C PHE B 232 1.08 -55.85 55.50
N SER B 233 2.21 -56.39 55.95
CA SER B 233 2.82 -57.55 55.31
C SER B 233 2.94 -58.71 56.29
N ARG B 234 3.89 -58.67 57.24
CA ARG B 234 4.14 -59.77 58.16
C ARG B 234 3.66 -59.40 59.56
N LEU B 235 2.91 -60.31 60.17
CA LEU B 235 2.30 -60.08 61.47
C LEU B 235 3.07 -60.87 62.52
N HIS B 236 3.16 -60.33 63.74
CA HIS B 236 3.88 -60.98 64.84
C HIS B 236 3.08 -62.09 65.47
N THR B 237 3.44 -63.34 65.15
CA THR B 237 2.99 -64.49 65.93
C THR B 237 3.65 -64.43 67.30
N PHE B 238 2.88 -64.04 68.32
CA PHE B 238 3.39 -63.83 69.68
C PHE B 238 2.80 -64.91 70.58
N GLY B 239 3.66 -65.78 71.12
CA GLY B 239 3.20 -66.82 72.01
C GLY B 239 3.84 -68.19 71.83
N ASP B 240 3.66 -68.79 70.67
CA ASP B 240 4.13 -70.16 70.41
C ASP B 240 3.52 -71.13 71.42
N GLU B 241 2.28 -71.54 71.19
CA GLU B 241 1.66 -72.49 72.11
C GLU B 241 2.54 -73.72 72.23
N ALA B 249 -6.88 -73.32 64.74
CA ALA B 249 -6.82 -73.16 66.18
C ALA B 249 -7.32 -71.77 66.58
N ARG B 250 -6.95 -71.32 67.78
CA ARG B 250 -7.28 -69.97 68.26
C ARG B 250 -6.20 -68.97 67.86
N ASP B 251 -5.88 -68.93 66.58
CA ASP B 251 -4.77 -68.12 66.10
C ASP B 251 -4.97 -66.63 66.39
N SER B 252 -6.03 -66.05 65.86
CA SER B 252 -6.50 -64.73 66.26
C SER B 252 -5.37 -63.70 66.25
N TYR B 253 -4.75 -63.54 65.08
CA TYR B 253 -3.70 -62.54 64.85
C TYR B 253 -4.18 -61.61 63.76
N PHE B 254 -4.55 -60.38 64.12
CA PHE B 254 -5.15 -59.45 63.18
C PHE B 254 -4.41 -58.13 63.19
N TYR B 255 -4.81 -57.26 62.27
CA TYR B 255 -4.32 -55.88 62.23
C TYR B 255 -5.42 -54.98 62.76
N ALA B 256 -5.06 -54.02 63.61
CA ALA B 256 -6.04 -53.12 64.22
C ALA B 256 -5.39 -51.75 64.39
N VAL B 257 -5.90 -50.75 63.70
CA VAL B 257 -5.40 -49.38 63.78
C VAL B 257 -6.46 -48.49 64.40
N SER B 258 -6.03 -47.65 65.36
CA SER B 258 -6.94 -46.76 66.09
C SER B 258 -7.30 -45.55 65.24
N ASP B 259 -6.28 -44.90 64.68
CA ASP B 259 -6.37 -43.65 63.98
C ASP B 259 -5.25 -43.64 62.94
N LEU B 260 -5.59 -43.20 61.73
CA LEU B 260 -4.65 -42.94 60.66
C LEU B 260 -4.61 -41.45 60.43
N GLN B 261 -3.41 -40.88 60.51
CA GLN B 261 -3.21 -39.43 60.45
C GLN B 261 -2.11 -39.14 59.44
N VAL B 262 -2.47 -38.57 58.30
CA VAL B 262 -1.50 -38.08 57.31
C VAL B 262 -1.52 -36.55 57.35
N GLY B 263 -0.45 -35.97 57.87
CA GLY B 263 -0.39 -34.54 58.18
C GLY B 263 0.46 -33.80 57.18
N GLY B 264 -0.06 -32.70 56.68
CA GLY B 264 0.65 -31.93 55.68
C GLY B 264 -0.09 -30.67 55.32
N ARG B 265 0.41 -30.01 54.29
CA ARG B 265 -0.19 -28.77 53.81
C ARG B 265 -0.61 -28.98 52.37
N CYS B 266 -1.64 -28.25 51.96
CA CYS B 266 -2.14 -28.34 50.60
C CYS B 266 -1.14 -27.64 49.67
N LYS B 267 -0.59 -28.38 48.69
CA LYS B 267 0.47 -27.86 47.84
C LYS B 267 -0.04 -26.71 46.99
N CYS B 268 0.38 -25.49 47.31
CA CYS B 268 0.06 -24.35 46.45
C CYS B 268 1.30 -23.59 46.04
N ASN B 269 2.50 -24.15 46.24
CA ASN B 269 3.75 -23.57 45.75
C ASN B 269 4.00 -22.17 46.31
N GLY B 270 3.29 -21.79 47.37
CA GLY B 270 3.53 -20.53 48.02
C GLY B 270 2.70 -19.37 47.54
N HIS B 271 1.71 -19.60 46.67
CA HIS B 271 0.84 -18.54 46.16
C HIS B 271 -0.61 -18.77 46.57
N ALA B 272 -0.83 -19.31 47.77
CA ALA B 272 -2.18 -19.59 48.23
C ALA B 272 -2.18 -19.81 49.73
N SER B 273 -3.23 -19.32 50.39
CA SER B 273 -3.40 -19.41 51.83
C SER B 273 -4.51 -20.36 52.24
N ARG B 274 -5.31 -20.85 51.28
CA ARG B 274 -6.42 -21.77 51.56
C ARG B 274 -6.63 -22.65 50.33
N CYS B 275 -7.06 -23.89 50.57
CA CYS B 275 -7.66 -24.70 49.52
C CYS B 275 -9.16 -24.76 49.71
N VAL B 276 -9.87 -24.61 48.60
CA VAL B 276 -11.31 -24.46 48.54
C VAL B 276 -11.82 -25.28 47.37
N ARG B 277 -13.15 -25.30 47.21
CA ARG B 277 -13.83 -26.21 46.31
C ARG B 277 -14.19 -25.50 45.00
N ASP B 278 -14.02 -26.21 43.88
CA ASP B 278 -13.91 -25.63 42.55
C ASP B 278 -15.27 -25.30 41.92
N ARG B 279 -15.23 -24.78 40.68
CA ARG B 279 -16.44 -24.62 39.87
C ARG B 279 -16.97 -25.95 39.38
N ASP B 280 -16.17 -27.00 39.48
CA ASP B 280 -16.58 -28.36 39.16
C ASP B 280 -16.57 -29.23 40.41
N ASP B 281 -16.47 -28.60 41.57
CA ASP B 281 -16.49 -29.23 42.89
C ASP B 281 -15.24 -30.07 43.04
N ASN B 282 -14.10 -29.39 43.05
CA ASN B 282 -12.77 -29.99 43.10
C ASN B 282 -11.96 -29.22 44.13
N LEU B 283 -11.24 -29.91 45.01
CA LEU B 283 -10.39 -29.17 45.94
C LEU B 283 -9.19 -28.59 45.18
N VAL B 284 -9.08 -27.26 45.16
CA VAL B 284 -7.98 -26.55 44.52
C VAL B 284 -7.51 -25.42 45.45
N CYS B 285 -6.55 -24.66 44.96
CA CYS B 285 -5.91 -23.59 45.71
C CYS B 285 -6.57 -22.26 45.39
N ASP B 286 -6.74 -21.42 46.41
CA ASP B 286 -7.13 -20.03 46.16
C ASP B 286 -5.98 -19.26 45.54
N CYS B 287 -5.63 -19.63 44.32
CA CYS B 287 -4.44 -19.11 43.65
C CYS B 287 -4.43 -17.60 43.57
N LYS B 288 -3.56 -16.94 44.33
CA LYS B 288 -3.32 -15.51 44.30
C LYS B 288 -2.01 -15.24 43.54
N HIS B 289 -1.40 -14.08 43.76
CA HIS B 289 -0.10 -13.76 43.16
C HIS B 289 -0.12 -13.82 41.63
N ASN B 290 -1.30 -13.60 41.05
CA ASN B 290 -1.50 -13.65 39.60
C ASN B 290 -1.10 -15.00 39.02
N THR B 291 -1.24 -16.06 39.82
CA THR B 291 -0.97 -17.43 39.38
C THR B 291 -2.27 -18.18 39.11
N ALA B 292 -2.14 -19.30 38.41
CA ALA B 292 -3.28 -20.12 38.04
C ALA B 292 -2.87 -21.58 38.07
N GLY B 293 -3.85 -22.46 37.96
CA GLY B 293 -3.60 -23.89 37.96
C GLY B 293 -3.97 -24.57 39.27
N PRO B 294 -4.02 -25.90 39.26
CA PRO B 294 -4.47 -26.61 40.46
C PRO B 294 -3.63 -26.29 41.68
N GLU B 295 -2.31 -26.48 41.59
CA GLU B 295 -1.41 -26.17 42.70
C GLU B 295 -0.72 -24.83 42.51
N CYS B 296 -1.38 -23.87 41.86
CA CYS B 296 -0.75 -22.59 41.51
C CYS B 296 0.62 -22.82 40.85
N ASP B 297 0.65 -23.71 39.86
CA ASP B 297 1.89 -24.10 39.20
C ASP B 297 2.23 -23.27 37.98
N ARG B 298 1.35 -22.37 37.55
CA ARG B 298 1.55 -21.63 36.32
C ARG B 298 1.18 -20.18 36.55
N CYS B 299 1.40 -19.36 35.53
CA CYS B 299 0.98 -17.96 35.58
C CYS B 299 -0.40 -17.79 34.96
N LYS B 300 -1.09 -16.76 35.43
CA LYS B 300 -2.39 -16.42 34.88
C LYS B 300 -2.21 -15.83 33.48
N PRO B 301 -3.24 -15.90 32.63
CA PRO B 301 -3.13 -15.35 31.28
C PRO B 301 -2.61 -13.92 31.27
N PHE B 302 -1.86 -13.59 30.21
CA PHE B 302 -1.33 -12.25 30.01
C PHE B 302 -0.29 -11.87 31.05
N HIS B 303 -0.13 -12.69 32.07
CA HIS B 303 0.90 -12.45 33.08
C HIS B 303 2.10 -13.35 32.80
N TYR B 304 2.59 -13.19 31.58
CA TYR B 304 3.70 -13.98 31.07
C TYR B 304 4.97 -13.15 30.89
N ASP B 305 5.11 -12.06 31.64
CA ASP B 305 6.30 -11.24 31.48
C ASP B 305 7.52 -11.85 32.15
N ARG B 306 7.31 -12.66 33.19
CA ARG B 306 8.40 -13.25 33.94
C ARG B 306 8.11 -14.72 34.20
N PRO B 307 9.13 -15.58 34.18
CA PRO B 307 8.88 -17.02 34.33
C PRO B 307 8.29 -17.35 35.70
N TRP B 308 7.49 -18.40 35.71
CA TRP B 308 6.86 -18.82 36.96
C TRP B 308 7.89 -19.46 37.88
N GLN B 309 7.84 -19.09 39.15
CA GLN B 309 8.70 -19.71 40.17
C GLN B 309 7.87 -20.04 41.40
N ARG B 310 8.40 -20.95 42.22
CA ARG B 310 7.78 -21.25 43.50
C ARG B 310 8.08 -20.09 44.44
N ALA B 311 7.07 -19.66 45.19
CA ALA B 311 7.30 -18.60 46.17
C ALA B 311 8.39 -19.01 47.15
N THR B 312 9.30 -18.08 47.41
CA THR B 312 10.35 -18.24 48.40
C THR B 312 10.01 -17.39 49.62
N ALA B 313 10.75 -17.60 50.71
CA ALA B 313 10.55 -16.79 51.91
C ALA B 313 10.71 -15.31 51.58
N ARG B 314 11.93 -14.89 51.28
CA ARG B 314 12.27 -13.55 50.83
C ARG B 314 12.29 -13.56 49.31
N GLU B 315 11.13 -13.38 48.68
CA GLU B 315 11.09 -13.36 47.24
C GLU B 315 9.66 -13.24 46.74
N ALA B 316 8.85 -14.24 47.05
CA ALA B 316 7.44 -14.29 46.68
C ALA B 316 7.20 -14.43 45.19
N ASN B 317 8.26 -14.55 44.37
CA ASN B 317 8.17 -14.69 42.92
C ASN B 317 6.73 -14.67 42.38
N GLU B 318 6.19 -13.47 42.19
CA GLU B 318 4.84 -13.28 41.69
C GLU B 318 4.86 -13.38 40.16
N CYS B 319 3.67 -13.46 39.56
CA CYS B 319 3.55 -13.38 38.11
C CYS B 319 3.30 -11.93 37.70
N VAL B 320 4.09 -11.44 36.75
CA VAL B 320 4.08 -10.04 36.33
C VAL B 320 3.47 -9.96 34.94
N ALA B 321 2.52 -9.05 34.77
CA ALA B 321 1.78 -8.93 33.52
C ALA B 321 2.62 -8.19 32.48
N CYS B 322 2.11 -8.18 31.25
CA CYS B 322 2.82 -7.62 30.12
C CYS B 322 2.31 -6.21 29.84
N ASN B 323 3.22 -5.31 29.47
CA ASN B 323 2.86 -3.93 29.14
C ASN B 323 2.69 -3.84 27.63
N CYS B 324 1.45 -4.07 27.16
CA CYS B 324 1.07 -3.77 25.79
C CYS B 324 0.33 -2.46 25.67
N ASN B 325 0.53 -1.55 26.64
CA ASN B 325 -0.09 -0.23 26.56
C ASN B 325 -1.54 -0.29 26.11
N LEU B 326 -2.29 -1.28 26.64
CA LEU B 326 -3.73 -1.41 26.38
C LEU B 326 -4.03 -1.58 24.89
N HIS B 327 -3.25 -2.43 24.22
CA HIS B 327 -3.38 -2.60 22.78
C HIS B 327 -3.33 -4.07 22.36
N ALA B 328 -3.19 -5.01 23.30
CA ALA B 328 -3.09 -6.41 22.97
C ALA B 328 -3.76 -7.24 24.06
N ARG B 329 -4.39 -8.35 23.63
CA ARG B 329 -5.10 -9.24 24.54
C ARG B 329 -4.31 -10.48 24.91
N ARG B 330 -3.32 -10.87 24.11
CA ARG B 330 -2.50 -12.05 24.38
C ARG B 330 -1.05 -11.65 24.59
N CYS B 331 -0.36 -12.45 25.39
CA CYS B 331 1.05 -12.26 25.64
C CYS B 331 1.75 -13.60 25.49
N ARG B 332 3.05 -13.55 25.18
CA ARG B 332 3.89 -14.75 25.14
C ARG B 332 5.25 -14.40 25.72
N PHE B 333 5.92 -15.41 26.27
CA PHE B 333 7.16 -15.22 27.02
C PHE B 333 8.35 -15.73 26.21
N ASN B 334 9.44 -14.95 26.18
CA ASN B 334 10.68 -15.42 25.54
C ASN B 334 11.83 -15.33 26.52
N MET B 335 12.42 -16.50 26.82
CA MET B 335 13.50 -16.55 27.81
C MET B 335 14.74 -15.82 27.30
N GLU B 336 15.02 -15.92 26.00
CA GLU B 336 16.12 -15.13 25.45
C GLU B 336 15.98 -13.67 25.84
N LEU B 337 14.82 -13.07 25.54
CA LEU B 337 14.59 -11.67 25.91
C LEU B 337 14.74 -11.45 27.41
N TYR B 338 14.19 -12.35 28.23
CA TYR B 338 14.32 -12.18 29.68
C TYR B 338 15.79 -12.09 30.09
N LYS B 339 16.62 -13.02 29.61
CA LYS B 339 18.02 -13.06 30.03
C LYS B 339 18.78 -11.83 29.55
N LEU B 340 18.72 -11.53 28.25
CA LEU B 340 19.36 -10.32 27.74
C LEU B 340 18.77 -9.05 28.34
N SER B 341 17.57 -9.13 28.91
CA SER B 341 16.96 -8.01 29.61
C SER B 341 17.54 -7.79 31.00
N GLY B 342 18.51 -8.61 31.41
CA GLY B 342 18.99 -8.54 32.77
C GLY B 342 18.02 -9.12 33.77
N ARG B 343 17.33 -10.20 33.40
CA ARG B 343 16.32 -10.81 34.27
C ARG B 343 15.28 -9.76 34.68
N LYS B 344 14.81 -9.00 33.69
CA LYS B 344 13.85 -7.93 33.92
C LYS B 344 12.48 -8.25 33.32
N SER B 345 12.32 -8.07 32.01
CA SER B 345 11.09 -8.41 31.30
C SER B 345 11.39 -9.44 30.22
N GLY B 346 10.32 -10.00 29.64
CA GLY B 346 10.46 -11.01 28.61
C GLY B 346 9.16 -11.31 27.91
N GLY B 347 8.16 -10.45 28.13
CA GLY B 347 6.84 -10.65 27.59
C GLY B 347 6.62 -9.91 26.29
N VAL B 348 6.46 -10.67 25.21
CA VAL B 348 6.15 -10.12 23.90
C VAL B 348 4.63 -10.17 23.68
N CYS B 349 4.05 -9.03 23.32
CA CYS B 349 2.63 -8.96 23.03
C CYS B 349 2.32 -9.53 21.64
N LEU B 350 1.14 -10.14 21.50
CA LEU B 350 0.69 -10.73 20.24
C LEU B 350 -0.57 -10.04 19.74
N ASN B 351 -0.71 -9.97 18.40
CA ASN B 351 -1.70 -9.10 17.76
C ASN B 351 -1.79 -7.72 18.39
N CYS B 352 -0.77 -6.89 18.19
CA CYS B 352 -0.97 -5.49 18.54
C CYS B 352 -2.10 -4.92 17.70
N ARG B 353 -3.20 -4.58 18.36
CA ARG B 353 -4.34 -3.97 17.72
C ARG B 353 -4.23 -2.45 17.74
N HIS B 354 -5.28 -1.75 17.34
CA HIS B 354 -5.34 -0.30 17.41
C HIS B 354 -4.35 0.37 16.46
N ASN B 355 -3.99 -0.35 15.38
CA ASN B 355 -3.07 0.17 14.38
C ASN B 355 -1.66 0.39 14.94
N THR B 356 -1.26 -0.49 15.85
CA THR B 356 0.07 -0.43 16.42
C THR B 356 0.83 -1.73 16.12
N ALA B 357 2.12 -1.70 16.43
CA ALA B 357 2.98 -2.87 16.30
C ALA B 357 4.15 -2.70 17.26
N GLY B 358 4.93 -3.75 17.39
CA GLY B 358 6.04 -3.76 18.32
C GLY B 358 5.81 -4.73 19.48
N ARG B 359 6.91 -5.07 20.16
CA ARG B 359 6.82 -5.98 21.31
C ARG B 359 5.76 -5.55 22.30
N HIS B 360 5.73 -4.26 22.63
CA HIS B 360 4.79 -3.73 23.61
C HIS B 360 3.75 -2.82 22.97
N CYS B 361 3.49 -2.99 21.67
CA CYS B 361 2.46 -2.22 20.97
C CYS B 361 2.72 -0.72 21.08
N HIS B 362 3.99 -0.32 20.94
CA HIS B 362 4.40 1.01 21.34
C HIS B 362 4.59 1.96 20.16
N TYR B 363 4.62 1.46 18.93
CA TYR B 363 4.82 2.30 17.75
C TYR B 363 3.72 2.04 16.73
N CYS B 364 3.51 3.03 15.86
CA CYS B 364 2.44 3.02 14.87
C CYS B 364 2.88 2.35 13.58
N LYS B 365 2.10 1.36 13.13
CA LYS B 365 2.49 0.61 11.95
C LYS B 365 2.52 1.51 10.71
N GLU B 366 3.16 1.00 9.65
CA GLU B 366 3.34 1.80 8.45
C GLU B 366 1.99 2.30 7.90
N GLY B 367 1.91 3.60 7.65
CA GLY B 367 0.69 4.25 7.21
C GLY B 367 0.01 5.04 8.30
N PHE B 368 0.49 4.94 9.53
CA PHE B 368 -0.02 5.67 10.68
C PHE B 368 1.14 6.39 11.34
N TYR B 369 0.82 7.24 12.30
CA TYR B 369 1.82 8.05 12.98
C TYR B 369 1.34 8.32 14.39
N ARG B 370 2.29 8.51 15.31
CA ARG B 370 1.98 8.64 16.74
C ARG B 370 1.41 10.03 17.00
N ASP B 371 0.12 10.08 17.35
CA ASP B 371 -0.51 11.31 17.81
C ASP B 371 -0.06 11.54 19.25
N LEU B 372 0.96 12.38 19.42
CA LEU B 372 1.55 12.62 20.73
C LEU B 372 0.66 13.47 21.63
N SER B 373 -0.51 13.90 21.15
CA SER B 373 -1.49 14.55 22.02
C SER B 373 -2.17 13.54 22.93
N LYS B 374 -2.53 12.37 22.40
CA LYS B 374 -3.10 11.32 23.24
C LYS B 374 -1.99 10.47 23.85
N PRO B 375 -2.28 9.70 24.89
CA PRO B 375 -1.27 8.82 25.48
C PRO B 375 -1.14 7.52 24.73
N ILE B 376 -0.01 6.84 24.95
CA ILE B 376 0.26 5.61 24.22
C ILE B 376 -0.85 4.59 24.45
N SER B 377 -1.47 4.58 25.64
CA SER B 377 -2.52 3.62 25.89
C SER B 377 -3.82 3.96 25.16
N HIS B 378 -4.00 5.21 24.75
CA HIS B 378 -5.26 5.62 24.15
C HIS B 378 -5.51 4.87 22.85
N ARG B 379 -6.78 4.51 22.61
CA ARG B 379 -7.15 3.81 21.39
C ARG B 379 -6.62 4.54 20.15
N LYS B 380 -6.76 5.86 20.12
CA LYS B 380 -6.31 6.66 18.98
C LYS B 380 -4.90 7.22 19.17
N ALA B 381 -3.98 6.43 19.72
CA ALA B 381 -2.60 6.87 19.84
C ALA B 381 -1.90 6.88 18.50
N CYS B 382 -2.44 6.17 17.52
CA CYS B 382 -1.87 6.10 16.17
C CYS B 382 -2.93 6.62 15.21
N LYS B 383 -2.70 7.81 14.64
CA LYS B 383 -3.58 8.35 13.61
C LYS B 383 -3.08 7.90 12.25
N GLU B 384 -3.78 8.30 11.20
CA GLU B 384 -3.50 7.83 9.87
C GLU B 384 -2.65 8.87 9.13
N CYS B 385 -2.44 8.67 7.84
CA CYS B 385 -1.65 9.55 7.00
C CYS B 385 -2.61 10.36 6.14
N ASP B 386 -2.71 11.65 6.41
CA ASP B 386 -3.67 12.47 5.68
C ASP B 386 -2.90 13.34 4.69
N CYS B 387 -2.11 12.67 3.86
CA CYS B 387 -1.09 13.33 3.04
C CYS B 387 -1.70 13.92 1.78
N HIS B 388 -1.46 15.20 1.56
CA HIS B 388 -2.10 15.84 0.43
C HIS B 388 -1.69 15.13 -0.86
N PRO B 389 -2.65 14.68 -1.67
CA PRO B 389 -2.30 13.91 -2.87
C PRO B 389 -1.58 14.71 -3.93
N VAL B 390 -1.55 16.02 -3.82
CA VAL B 390 -0.85 16.87 -4.77
C VAL B 390 0.52 17.29 -4.24
N GLY B 391 0.56 17.82 -3.02
CA GLY B 391 1.79 18.31 -2.45
C GLY B 391 2.73 17.27 -1.89
N ALA B 392 2.40 15.98 -1.97
CA ALA B 392 3.23 14.93 -1.38
C ALA B 392 3.68 13.95 -2.45
N ALA B 393 4.95 13.55 -2.38
CA ALA B 393 5.51 12.57 -3.31
C ALA B 393 5.24 11.13 -2.90
N GLY B 394 4.67 10.91 -1.72
CA GLY B 394 4.34 9.58 -1.25
C GLY B 394 3.24 9.67 -0.21
N GLN B 395 2.67 8.51 0.11
CA GLN B 395 1.56 8.47 1.07
C GLN B 395 1.92 7.69 2.33
N THR B 396 3.08 7.96 2.92
CA THR B 396 3.50 7.35 4.18
C THR B 396 4.05 8.41 5.11
N CYS B 397 3.43 8.53 6.29
CA CYS B 397 3.89 9.43 7.34
C CYS B 397 5.27 9.02 7.82
N ASN B 398 5.82 9.79 8.75
CA ASN B 398 7.06 9.43 9.39
C ASN B 398 6.85 8.46 10.54
N GLN B 399 5.61 8.36 11.06
CA GLN B 399 5.20 7.43 12.12
C GLN B 399 5.57 7.98 13.48
N THR B 400 6.75 8.59 13.57
CA THR B 400 7.21 9.28 14.78
C THR B 400 6.73 10.72 14.82
N THR B 401 6.77 11.39 13.66
CA THR B 401 6.33 12.77 13.52
C THR B 401 5.05 12.93 12.72
N GLY B 402 4.72 11.97 11.86
CA GLY B 402 3.59 12.12 10.97
C GLY B 402 3.86 12.93 9.72
N GLN B 403 5.02 13.58 9.63
CA GLN B 403 5.36 14.32 8.43
C GLN B 403 5.35 13.40 7.22
N CYS B 404 5.00 13.97 6.10
CA CYS B 404 4.77 13.09 4.98
C CYS B 404 5.62 13.57 3.79
N PRO B 405 6.13 12.66 2.92
CA PRO B 405 7.15 13.11 1.95
C PRO B 405 6.75 14.31 1.10
N CYS B 406 7.10 15.53 1.50
CA CYS B 406 6.80 16.68 0.65
C CYS B 406 7.72 16.73 -0.56
N LYS B 407 7.22 17.39 -1.61
CA LYS B 407 7.90 17.51 -2.89
C LYS B 407 8.17 18.98 -3.19
N ASP B 408 9.33 19.22 -3.82
CA ASP B 408 9.76 20.53 -4.29
C ASP B 408 9.44 21.65 -3.29
N GLY B 409 8.53 22.56 -3.65
CA GLY B 409 8.28 23.73 -2.85
C GLY B 409 7.12 23.59 -1.88
N VAL B 410 6.95 22.43 -1.26
CA VAL B 410 5.81 22.15 -0.41
C VAL B 410 6.28 21.86 1.01
N THR B 411 5.67 22.55 1.97
CA THR B 411 5.91 22.36 3.40
C THR B 411 4.61 21.95 4.09
N GLY B 412 4.74 21.58 5.35
CA GLY B 412 3.64 21.13 6.19
C GLY B 412 3.72 19.64 6.47
N ILE B 413 3.13 19.23 7.59
CA ILE B 413 3.18 17.82 7.98
C ILE B 413 2.49 16.96 6.92
N THR B 414 1.36 17.46 6.40
CA THR B 414 0.60 16.76 5.37
C THR B 414 0.94 17.26 3.98
N CYS B 415 1.89 18.17 3.85
CA CYS B 415 2.27 18.72 2.55
C CYS B 415 1.09 19.45 1.91
N ASN B 416 0.48 20.35 2.68
CA ASN B 416 -0.76 20.98 2.26
C ASN B 416 -0.59 22.45 1.87
N ARG B 417 0.59 23.03 2.07
CA ARG B 417 0.82 24.44 1.81
C ARG B 417 2.07 24.62 0.97
N CYS B 418 2.09 25.69 0.19
CA CYS B 418 3.31 26.09 -0.51
C CYS B 418 4.32 26.68 0.45
N ALA B 419 5.59 26.60 0.08
CA ALA B 419 6.68 27.10 0.91
C ALA B 419 6.88 28.59 0.66
N LYS B 420 7.88 29.18 1.31
CA LYS B 420 8.21 30.59 1.09
C LYS B 420 8.96 30.75 -0.22
N GLY B 421 8.57 31.75 -1.00
CA GLY B 421 9.14 31.97 -2.31
C GLY B 421 8.60 31.08 -3.39
N TYR B 422 7.60 30.27 -3.09
CA TYR B 422 6.97 29.37 -4.05
C TYR B 422 5.51 29.76 -4.21
N GLN B 423 5.01 29.64 -5.43
CA GLN B 423 3.67 30.11 -5.77
C GLN B 423 2.79 28.92 -6.13
N GLN B 424 1.54 28.95 -5.67
CA GLN B 424 0.60 27.90 -6.03
C GLN B 424 0.31 27.95 -7.52
N SER B 425 0.14 26.77 -8.11
CA SER B 425 -0.32 26.58 -9.48
C SER B 425 -1.60 25.72 -9.42
N ARG B 426 -1.95 25.04 -10.51
CA ARG B 426 -2.91 23.95 -10.38
C ARG B 426 -2.28 22.58 -10.56
N SER B 427 -1.39 22.46 -11.54
CA SER B 427 -0.95 21.17 -12.04
C SER B 427 -0.59 20.23 -10.89
N PRO B 428 -1.34 19.14 -10.70
CA PRO B 428 -1.00 18.22 -9.60
C PRO B 428 0.43 17.72 -9.63
N ILE B 429 1.03 17.65 -10.83
CA ILE B 429 2.41 17.17 -10.94
C ILE B 429 3.38 18.17 -10.33
N ALA B 430 3.02 19.46 -10.33
CA ALA B 430 3.91 20.53 -9.89
C ALA B 430 3.10 21.59 -9.16
N PRO B 431 2.71 21.32 -7.91
CA PRO B 431 1.78 22.22 -7.19
C PRO B 431 2.33 23.61 -6.98
N CYS B 432 3.51 23.71 -6.37
CA CYS B 432 4.17 24.98 -6.14
C CYS B 432 5.30 25.15 -7.14
N ILE B 433 5.53 26.41 -7.54
CA ILE B 433 6.60 26.80 -8.43
C ILE B 433 7.33 28.00 -7.82
N LYS B 434 8.64 28.04 -7.99
CA LYS B 434 9.43 29.14 -7.43
C LYS B 434 9.10 30.45 -8.14
N ILE B 435 9.12 31.55 -7.39
CA ILE B 435 8.82 32.88 -7.93
C ILE B 435 10.05 33.42 -8.64
N PRO B 436 9.95 34.58 -9.32
CA PRO B 436 11.08 35.24 -9.97
C PRO B 436 12.34 35.32 -9.12
#